data_8J74
#
_entry.id   8J74
#
loop_
_entity.id
_entity.type
_entity.pdbx_description
1 polymer 'High affinity choline transporter 1'
2 branched beta-D-mannopyranose-(1-4)-2-acetamido-2-deoxy-beta-D-glucopyranose-(1-4)-2-acetamido-2-deoxy-beta-D-glucopyranose
3 non-polymer 'CHOLESTEROL HEMISUCCINATE'
4 non-polymer 'Lauryl Maltose Neopentyl Glycol'
5 non-polymer HEXADECANE
6 non-polymer "(2S,2'S)-2,2'-biphenyl-4,4'-diylbis(2-hydroxy-4,4-dimethylmorpholin-4-ium)"
#
_entity_poly.entity_id   1
_entity_poly.type   'polypeptide(L)'
_entity_poly.pdbx_seq_one_letter_code
;MAFHVEGLIAIIVFYLLILLVGIWAAWRTKNSGSAEERSEAIIVGGRDIGLLVGGFTMTATWVGGGYINGTAEAVYVPGY
GLAWAQAPIGYSLSLILGGLFFAKPMRSKGYVTMLDPFQQIYGKRMGGLLFIPALMGEMFWAAAIFSALGATISVIIDVD
MHISVIISALIATLYTLVGGLYSVAYTDVVQLFCIFVGLWISVPFALSHPAVADIGFTAVHAKYQKPWLGTVDSSEVYSW
LDSFLLLMLGGIPWQAYFQRVLSSSSATYAQVLSFLAAFGCLVMAIPAILIGAIGASTDWNQTAYGLPDPKTTEEADMIL
PIVLQYLCPVYISFFGLGAVSAAVMSSADSSILSASSMFARNIYQLSFRQNASDKEIVWVMRITVFVFGASATAMALLTK
TVYGLWYLSSDLVYIVIFPQLLCVLFVKGTNTYGAVAGYVSGLFLRITGGEPYLYLQPLIFYPGYYPDDNGIYNQKFPFK
TLAMVTSFLTNICISYLAKYLFESGTLPPKLDVFDAVVARHSEENMDKTILVKNENIKLDELALVKPRQSMTLSSTFTNK
EAFLDVDSSPEGSGTEDNLQ
;
_entity_poly.pdbx_strand_id   A,B
#
# COMPACT_ATOMS: atom_id res chain seq x y z
N PHE A 3 3.61 34.69 -15.71
CA PHE A 3 3.72 33.39 -16.36
C PHE A 3 4.24 32.34 -15.38
N HIS A 4 4.92 32.80 -14.33
CA HIS A 4 5.48 31.93 -13.29
C HIS A 4 6.44 30.90 -13.91
N VAL A 5 7.56 31.44 -14.41
CA VAL A 5 8.57 30.64 -15.10
C VAL A 5 9.03 29.47 -14.26
N GLU A 6 8.95 29.59 -12.93
CA GLU A 6 9.34 28.47 -12.07
C GLU A 6 8.47 27.25 -12.31
N GLY A 7 7.17 27.46 -12.53
CA GLY A 7 6.28 26.35 -12.80
C GLY A 7 6.60 25.65 -14.12
N LEU A 8 6.83 26.43 -15.18
CA LEU A 8 7.18 25.84 -16.46
C LEU A 8 8.51 25.10 -16.39
N ILE A 9 9.49 25.68 -15.68
CA ILE A 9 10.77 25.01 -15.52
C ILE A 9 10.60 23.69 -14.78
N ALA A 10 9.80 23.70 -13.70
CA ALA A 10 9.56 22.46 -12.97
C ALA A 10 8.86 21.43 -13.85
N ILE A 11 7.89 21.85 -14.65
CA ILE A 11 7.16 20.92 -15.50
C ILE A 11 8.10 20.29 -16.53
N ILE A 12 8.93 21.12 -17.17
CA ILE A 12 9.81 20.59 -18.21
C ILE A 12 10.89 19.70 -17.62
N VAL A 13 11.42 20.04 -16.44
CA VAL A 13 12.43 19.18 -15.85
C VAL A 13 11.80 17.87 -15.36
N PHE A 14 10.56 17.91 -14.88
CA PHE A 14 9.87 16.66 -14.55
C PHE A 14 9.67 15.80 -15.78
N TYR A 15 9.27 16.41 -16.90
CA TYR A 15 9.11 15.67 -18.15
C TYR A 15 10.43 15.05 -18.58
N LEU A 16 11.52 15.82 -18.48
CA LEU A 16 12.83 15.29 -18.85
C LEU A 16 13.26 14.16 -17.92
N LEU A 17 12.91 14.26 -16.63
CA LEU A 17 13.25 13.19 -15.69
C LEU A 17 12.53 11.89 -16.05
N ILE A 18 11.23 11.98 -16.33
CA ILE A 18 10.51 10.76 -16.67
C ILE A 18 10.95 10.24 -18.03
N LEU A 19 11.34 11.14 -18.94
CA LEU A 19 11.91 10.70 -20.22
C LEU A 19 13.22 9.95 -19.99
N LEU A 20 14.07 10.44 -19.08
CA LEU A 20 15.30 9.74 -18.75
C LEU A 20 15.00 8.37 -18.15
N VAL A 21 13.96 8.28 -17.31
CA VAL A 21 13.56 7.00 -16.74
C VAL A 21 13.14 6.04 -17.86
N GLY A 22 12.35 6.54 -18.82
CA GLY A 22 11.94 5.69 -19.93
C GLY A 22 13.11 5.25 -20.80
N ILE A 23 14.07 6.14 -21.02
CA ILE A 23 15.25 5.79 -21.80
C ILE A 23 16.07 4.73 -21.07
N TRP A 24 16.22 4.86 -19.75
CA TRP A 24 16.93 3.85 -18.98
C TRP A 24 16.20 2.50 -19.04
N ALA A 25 14.87 2.52 -18.98
CA ALA A 25 14.11 1.28 -19.11
C ALA A 25 14.31 0.66 -20.49
N ALA A 26 14.33 1.48 -21.53
CA ALA A 26 14.57 0.96 -22.88
C ALA A 26 15.96 0.36 -23.00
N TRP A 27 16.96 0.99 -22.38
CA TRP A 27 18.30 0.42 -22.37
C TRP A 27 18.31 -0.92 -21.64
N ARG A 28 17.62 -1.01 -20.51
CA ARG A 28 17.56 -2.27 -19.78
C ARG A 28 16.88 -3.36 -20.60
N THR A 29 15.85 -3.00 -21.35
CA THR A 29 15.11 -3.97 -22.16
C THR A 29 15.85 -4.21 -23.46
N LYS A 30 16.91 -5.01 -23.37
CA LYS A 30 17.67 -5.42 -24.55
C LYS A 30 17.95 -6.92 -24.60
N ASN A 31 17.77 -7.65 -23.51
CA ASN A 31 17.99 -9.09 -23.47
C ASN A 31 16.74 -9.83 -23.02
N SER A 32 15.56 -9.27 -23.29
CA SER A 32 14.30 -9.88 -22.92
C SER A 32 13.99 -11.00 -23.91
N GLY A 33 14.21 -12.24 -23.48
CA GLY A 33 14.03 -13.37 -24.36
C GLY A 33 15.16 -13.50 -25.36
N SER A 34 14.97 -14.43 -26.30
CA SER A 34 15.96 -14.65 -27.35
C SER A 34 15.72 -13.65 -28.47
N ALA A 35 16.40 -13.83 -29.60
CA ALA A 35 16.46 -12.81 -30.65
C ALA A 35 15.40 -12.96 -31.73
N GLU A 36 14.60 -14.03 -31.71
CA GLU A 36 13.59 -14.23 -32.74
C GLU A 36 12.16 -14.05 -32.23
N GLU A 37 11.98 -13.57 -31.00
CA GLU A 37 10.66 -13.25 -30.46
C GLU A 37 10.57 -11.78 -30.11
N ARG A 38 11.19 -10.92 -30.92
CA ARG A 38 11.24 -9.49 -30.61
C ARG A 38 9.84 -8.90 -30.51
N SER A 39 8.93 -9.29 -31.41
CA SER A 39 7.56 -8.79 -31.34
C SER A 39 6.89 -9.21 -30.03
N GLU A 40 6.92 -10.52 -29.73
CA GLU A 40 6.30 -11.00 -28.51
C GLU A 40 6.97 -10.41 -27.29
N ALA A 41 8.30 -10.28 -27.31
CA ALA A 41 9.01 -9.68 -26.19
C ALA A 41 8.56 -8.25 -25.95
N ILE A 42 8.59 -7.41 -27.00
CA ILE A 42 8.22 -6.01 -26.82
C ILE A 42 6.75 -5.88 -26.47
N ILE A 43 5.93 -6.87 -26.81
CA ILE A 43 4.50 -6.75 -26.55
C ILE A 43 4.15 -7.15 -25.12
N VAL A 44 4.69 -8.27 -24.63
CA VAL A 44 4.29 -8.77 -23.33
C VAL A 44 5.43 -8.73 -22.30
N GLY A 45 6.46 -7.90 -22.53
CA GLY A 45 7.47 -7.73 -21.51
C GLY A 45 8.28 -8.97 -21.20
N GLY A 46 8.26 -9.97 -22.08
CA GLY A 46 8.95 -11.21 -21.78
C GLY A 46 8.28 -12.07 -20.74
N ARG A 47 7.05 -11.74 -20.34
CA ARG A 47 6.31 -12.47 -19.33
C ARG A 47 7.12 -12.62 -18.04
N ASP A 48 7.70 -11.51 -17.58
CA ASP A 48 8.48 -11.51 -16.35
C ASP A 48 8.46 -10.11 -15.76
N ILE A 49 7.62 -9.88 -14.75
CA ILE A 49 7.65 -8.67 -13.94
C ILE A 49 7.47 -9.06 -12.49
N GLY A 50 7.84 -8.15 -11.60
CA GLY A 50 7.58 -8.32 -10.19
C GLY A 50 6.13 -8.05 -9.85
N LEU A 51 5.74 -8.49 -8.66
CA LEU A 51 4.36 -8.27 -8.20
C LEU A 51 4.11 -6.79 -7.92
N LEU A 52 5.01 -6.16 -7.17
CA LEU A 52 4.82 -4.75 -6.83
C LEU A 52 4.86 -3.87 -8.09
N VAL A 53 5.78 -4.14 -9.00
CA VAL A 53 5.89 -3.34 -10.21
C VAL A 53 4.62 -3.47 -11.05
N GLY A 54 4.08 -4.69 -11.15
CA GLY A 54 2.85 -4.88 -11.91
C GLY A 54 1.66 -4.20 -11.27
N GLY A 55 1.52 -4.34 -9.95
CA GLY A 55 0.42 -3.67 -9.27
C GLY A 55 0.49 -2.16 -9.41
N PHE A 56 1.68 -1.59 -9.23
CA PHE A 56 1.84 -0.15 -9.35
C PHE A 56 1.54 0.32 -10.76
N THR A 57 2.08 -0.36 -11.77
CA THR A 57 1.85 0.08 -13.14
C THR A 57 0.38 -0.05 -13.53
N MET A 58 -0.30 -1.09 -13.03
CA MET A 58 -1.69 -1.27 -13.42
C MET A 58 -2.59 -0.24 -12.74
N THR A 59 -2.40 -0.01 -11.43
CA THR A 59 -3.20 0.98 -10.75
C THR A 59 -2.85 2.40 -11.18
N ALA A 60 -1.67 2.60 -11.76
CA ALA A 60 -1.39 3.87 -12.43
C ALA A 60 -2.07 3.95 -13.78
N THR A 61 -2.22 2.81 -14.47
CA THR A 61 -2.92 2.79 -15.74
C THR A 61 -4.39 3.16 -15.56
N TRP A 62 -5.04 2.59 -14.55
CA TRP A 62 -6.47 2.82 -14.39
C TRP A 62 -6.78 4.27 -14.02
N VAL A 63 -6.04 4.83 -13.07
CA VAL A 63 -6.24 6.22 -12.66
C VAL A 63 -5.48 7.12 -13.62
N GLY A 64 -6.20 7.92 -14.40
CA GLY A 64 -5.56 8.70 -15.44
C GLY A 64 -6.05 10.11 -15.61
N GLY A 65 -6.44 10.75 -14.53
CA GLY A 65 -6.91 12.13 -14.61
C GLY A 65 -8.38 12.27 -14.89
N GLY A 66 -8.89 11.57 -15.91
CA GLY A 66 -10.32 11.55 -16.13
C GLY A 66 -11.06 10.87 -15.00
N TYR A 67 -10.51 9.79 -14.47
CA TYR A 67 -11.08 9.10 -13.32
C TYR A 67 -11.14 10.00 -12.09
N ILE A 68 -10.27 10.99 -12.01
CA ILE A 68 -10.29 11.95 -10.91
C ILE A 68 -11.28 13.07 -11.17
N ASN A 69 -11.21 13.67 -12.37
CA ASN A 69 -12.04 14.81 -12.69
C ASN A 69 -13.52 14.43 -12.72
N GLY A 70 -13.85 13.26 -13.27
CA GLY A 70 -15.25 12.84 -13.30
C GLY A 70 -15.82 12.66 -11.91
N THR A 71 -15.07 12.01 -11.01
CA THR A 71 -15.53 11.84 -9.64
C THR A 71 -15.69 13.18 -8.94
N ALA A 72 -14.70 14.07 -9.10
CA ALA A 72 -14.79 15.38 -8.45
C ALA A 72 -15.98 16.17 -8.96
N GLU A 73 -16.21 16.16 -10.28
CA GLU A 73 -17.34 16.88 -10.85
C GLU A 73 -18.67 16.29 -10.40
N ALA A 74 -18.76 14.95 -10.35
CA ALA A 74 -19.99 14.32 -9.91
C ALA A 74 -20.30 14.66 -8.46
N VAL A 75 -19.28 14.69 -7.61
CA VAL A 75 -19.49 15.09 -6.22
C VAL A 75 -19.88 16.56 -6.14
N TYR A 76 -19.28 17.40 -7.00
CA TYR A 76 -19.46 18.84 -6.88
C TYR A 76 -20.78 19.32 -7.49
N VAL A 77 -21.09 18.87 -8.69
CA VAL A 77 -22.24 19.44 -9.44
C VAL A 77 -23.52 19.11 -8.70
N PRO A 78 -24.40 20.10 -8.46
CA PRO A 78 -25.68 19.81 -7.81
C PRO A 78 -26.54 18.91 -8.67
N GLY A 79 -27.33 18.06 -8.01
CA GLY A 79 -28.15 17.09 -8.69
C GLY A 79 -27.50 15.74 -8.91
N TYR A 80 -26.18 15.65 -8.74
CA TYR A 80 -25.47 14.38 -8.85
C TYR A 80 -25.07 13.83 -7.48
N GLY A 81 -24.33 14.62 -6.71
CA GLY A 81 -23.93 14.18 -5.39
C GLY A 81 -22.89 13.07 -5.42
N LEU A 82 -22.63 12.53 -4.23
CA LEU A 82 -21.67 11.44 -4.10
C LEU A 82 -22.23 10.11 -4.58
N ALA A 83 -23.52 9.86 -4.38
CA ALA A 83 -24.11 8.58 -4.75
C ALA A 83 -24.04 8.33 -6.25
N TRP A 84 -23.94 9.38 -7.07
CA TRP A 84 -23.86 9.22 -8.51
C TRP A 84 -22.42 9.19 -9.03
N ALA A 85 -21.43 9.27 -8.14
CA ALA A 85 -20.03 9.14 -8.53
C ALA A 85 -19.64 7.68 -8.33
N GLN A 86 -20.00 6.85 -9.30
CA GLN A 86 -19.80 5.42 -9.22
C GLN A 86 -18.45 4.97 -9.75
N ALA A 87 -17.56 5.91 -10.09
CA ALA A 87 -16.24 5.54 -10.56
C ALA A 87 -15.44 4.73 -9.55
N PRO A 88 -15.32 5.12 -8.26
CA PRO A 88 -14.48 4.36 -7.34
C PRO A 88 -14.95 2.93 -7.13
N ILE A 89 -16.21 2.78 -6.70
CA ILE A 89 -16.75 1.44 -6.44
C ILE A 89 -16.78 0.62 -7.72
N GLY A 90 -17.17 1.24 -8.83
CA GLY A 90 -17.22 0.51 -10.09
C GLY A 90 -15.86 -0.02 -10.50
N TYR A 91 -14.85 0.83 -10.47
CA TYR A 91 -13.50 0.40 -10.85
C TYR A 91 -12.98 -0.68 -9.90
N SER A 92 -13.15 -0.46 -8.59
CA SER A 92 -12.63 -1.42 -7.63
C SER A 92 -13.30 -2.78 -7.77
N LEU A 93 -14.62 -2.80 -7.93
CA LEU A 93 -15.31 -4.07 -8.03
C LEU A 93 -15.05 -4.72 -9.38
N SER A 94 -14.84 -3.93 -10.43
CA SER A 94 -14.46 -4.49 -11.72
C SER A 94 -13.11 -5.20 -11.62
N LEU A 95 -12.14 -4.57 -10.96
CA LEU A 95 -10.84 -5.20 -10.77
C LEU A 95 -10.97 -6.46 -9.92
N ILE A 96 -11.77 -6.40 -8.86
CA ILE A 96 -11.93 -7.56 -7.98
C ILE A 96 -12.57 -8.72 -8.75
N LEU A 97 -13.62 -8.44 -9.50
CA LEU A 97 -14.29 -9.47 -10.28
C LEU A 97 -13.35 -10.05 -11.34
N GLY A 98 -12.57 -9.19 -12.00
CA GLY A 98 -11.62 -9.69 -12.97
C GLY A 98 -10.62 -10.63 -12.33
N GLY A 99 -10.02 -10.23 -11.21
CA GLY A 99 -9.06 -11.08 -10.54
C GLY A 99 -9.66 -12.40 -10.08
N LEU A 100 -10.89 -12.36 -9.55
CA LEU A 100 -11.54 -13.58 -9.10
C LEU A 100 -11.81 -14.54 -10.24
N PHE A 101 -12.45 -14.05 -11.31
CA PHE A 101 -12.98 -14.94 -12.35
C PHE A 101 -12.06 -15.04 -13.55
N PHE A 102 -11.74 -13.92 -14.19
CA PHE A 102 -10.96 -13.94 -15.41
C PHE A 102 -9.48 -13.87 -15.06
N ALA A 103 -8.64 -13.80 -16.10
CA ALA A 103 -7.22 -13.51 -15.97
C ALA A 103 -6.45 -14.63 -15.27
N LYS A 104 -7.16 -15.61 -14.73
CA LYS A 104 -6.52 -16.86 -14.33
C LYS A 104 -6.41 -17.79 -15.53
N PRO A 105 -7.49 -18.02 -16.29
CA PRO A 105 -7.32 -18.79 -17.53
C PRO A 105 -6.43 -18.10 -18.55
N MET A 106 -6.43 -16.77 -18.58
CA MET A 106 -5.58 -16.06 -19.53
C MET A 106 -4.11 -16.36 -19.29
N ARG A 107 -3.69 -16.35 -18.02
CA ARG A 107 -2.31 -16.72 -17.70
C ARG A 107 -2.10 -18.22 -17.79
N SER A 108 -3.18 -19.01 -17.61
CA SER A 108 -3.04 -20.46 -17.70
C SER A 108 -2.59 -20.89 -19.09
N LYS A 109 -3.17 -20.30 -20.12
CA LYS A 109 -2.75 -20.57 -21.49
C LYS A 109 -1.67 -19.57 -21.90
N GLY A 110 -0.93 -19.92 -22.95
CA GLY A 110 0.07 -19.03 -23.49
C GLY A 110 -0.54 -18.06 -24.48
N TYR A 111 -0.84 -16.85 -24.02
CA TYR A 111 -1.58 -15.87 -24.80
C TYR A 111 -0.81 -14.57 -24.82
N VAL A 112 -1.07 -13.76 -25.84
CA VAL A 112 -0.35 -12.51 -26.06
C VAL A 112 -1.25 -11.30 -25.83
N THR A 113 -2.43 -11.28 -26.45
CA THR A 113 -3.38 -10.18 -26.33
C THR A 113 -4.75 -10.74 -26.01
N MET A 114 -5.73 -9.84 -25.88
CA MET A 114 -7.11 -10.26 -25.66
C MET A 114 -7.63 -11.09 -26.84
N LEU A 115 -7.28 -10.70 -28.06
CA LEU A 115 -7.90 -11.28 -29.24
C LEU A 115 -7.31 -12.64 -29.61
N ASP A 116 -6.24 -13.08 -28.97
CA ASP A 116 -5.69 -14.40 -29.26
C ASP A 116 -6.69 -15.53 -28.98
N PRO A 117 -7.37 -15.58 -27.83
CA PRO A 117 -8.42 -16.60 -27.67
C PRO A 117 -9.50 -16.49 -28.73
N PHE A 118 -9.87 -15.27 -29.10
CA PHE A 118 -10.92 -15.09 -30.09
C PHE A 118 -10.46 -15.56 -31.46
N GLN A 119 -9.26 -15.15 -31.87
CA GLN A 119 -8.72 -15.61 -33.15
C GLN A 119 -8.45 -17.10 -33.16
N GLN A 120 -8.30 -17.73 -31.99
CA GLN A 120 -8.10 -19.16 -31.93
C GLN A 120 -9.41 -19.92 -32.04
N ILE A 121 -10.44 -19.46 -31.34
CA ILE A 121 -11.72 -20.17 -31.34
C ILE A 121 -12.51 -19.86 -32.61
N TYR A 122 -12.80 -18.59 -32.84
CA TYR A 122 -13.48 -18.17 -34.06
C TYR A 122 -12.47 -18.12 -35.20
N GLY A 123 -12.85 -17.51 -36.32
CA GLY A 123 -11.95 -17.38 -37.44
C GLY A 123 -11.12 -16.11 -37.40
N LYS A 124 -10.16 -16.04 -38.33
CA LYS A 124 -9.35 -14.83 -38.46
C LYS A 124 -10.22 -13.62 -38.82
N ARG A 125 -11.29 -13.84 -39.59
CA ARG A 125 -12.21 -12.75 -39.90
C ARG A 125 -12.88 -12.23 -38.64
N MET A 126 -13.30 -13.11 -37.75
CA MET A 126 -13.95 -12.69 -36.52
C MET A 126 -12.94 -11.99 -35.61
N GLY A 127 -11.72 -12.49 -35.59
CA GLY A 127 -10.68 -11.83 -34.81
C GLY A 127 -10.36 -10.44 -35.30
N GLY A 128 -10.36 -10.25 -36.63
CA GLY A 128 -10.16 -8.91 -37.16
C GLY A 128 -11.35 -8.01 -36.99
N LEU A 129 -12.55 -8.59 -36.90
CA LEU A 129 -13.77 -7.82 -36.76
C LEU A 129 -13.96 -7.31 -35.34
N LEU A 130 -13.63 -8.13 -34.33
CA LEU A 130 -13.78 -7.64 -32.96
C LEU A 130 -12.70 -6.66 -32.57
N PHE A 131 -11.68 -6.47 -33.41
CA PHE A 131 -10.59 -5.56 -33.08
C PHE A 131 -11.03 -4.10 -33.16
N ILE A 132 -12.01 -3.80 -34.01
CA ILE A 132 -12.43 -2.41 -34.21
C ILE A 132 -12.97 -1.77 -32.94
N PRO A 133 -13.94 -2.36 -32.22
CA PRO A 133 -14.52 -1.65 -31.07
C PRO A 133 -13.51 -1.32 -29.98
N ALA A 134 -12.64 -2.27 -29.61
CA ALA A 134 -11.67 -2.01 -28.55
C ALA A 134 -10.67 -0.94 -28.98
N LEU A 135 -10.23 -0.98 -30.24
CA LEU A 135 -9.33 0.05 -30.75
C LEU A 135 -9.98 1.42 -30.65
N MET A 136 -11.23 1.52 -31.10
CA MET A 136 -11.95 2.79 -31.06
C MET A 136 -12.09 3.29 -29.63
N GLY A 137 -12.44 2.37 -28.71
CA GLY A 137 -12.58 2.77 -27.31
C GLY A 137 -11.29 3.28 -26.72
N GLU A 138 -10.18 2.60 -26.99
CA GLU A 138 -8.90 3.02 -26.44
C GLU A 138 -8.47 4.37 -27.01
N MET A 139 -8.62 4.57 -28.32
CA MET A 139 -8.28 5.87 -28.90
C MET A 139 -9.15 6.98 -28.33
N PHE A 140 -10.44 6.72 -28.18
CA PHE A 140 -11.34 7.74 -27.66
C PHE A 140 -11.00 8.08 -26.22
N TRP A 141 -10.69 7.06 -25.41
CA TRP A 141 -10.29 7.29 -24.03
C TRP A 141 -9.01 8.12 -23.96
N ALA A 142 -8.02 7.80 -24.80
CA ALA A 142 -6.79 8.57 -24.81
C ALA A 142 -7.05 10.02 -25.20
N ALA A 143 -7.91 10.23 -26.20
CA ALA A 143 -8.23 11.59 -26.62
C ALA A 143 -8.91 12.38 -25.50
N ALA A 144 -9.86 11.76 -24.81
CA ALA A 144 -10.54 12.44 -23.71
C ALA A 144 -9.56 12.78 -22.59
N ILE A 145 -8.68 11.85 -22.26
CA ILE A 145 -7.69 12.09 -21.20
C ILE A 145 -6.77 13.25 -21.59
N PHE A 146 -6.33 13.27 -22.85
CA PHE A 146 -5.48 14.36 -23.32
C PHE A 146 -6.21 15.70 -23.26
N SER A 147 -7.49 15.72 -23.64
CA SER A 147 -8.26 16.96 -23.57
C SER A 147 -8.39 17.45 -22.13
N ALA A 148 -8.63 16.53 -21.20
CA ALA A 148 -8.71 16.91 -19.79
C ALA A 148 -7.39 17.50 -19.31
N LEU A 149 -6.27 16.88 -19.69
CA LEU A 149 -4.97 17.42 -19.31
C LEU A 149 -4.76 18.81 -19.90
N GLY A 150 -5.15 19.01 -21.16
CA GLY A 150 -5.01 20.32 -21.77
C GLY A 150 -5.81 21.38 -21.04
N ALA A 151 -7.05 21.05 -20.66
CA ALA A 151 -7.87 21.99 -19.92
C ALA A 151 -7.24 22.33 -18.57
N THR A 152 -6.72 21.30 -17.87
CA THR A 152 -6.09 21.54 -16.57
C THR A 152 -4.86 22.44 -16.72
N ILE A 153 -4.03 22.18 -17.73
CA ILE A 153 -2.84 23.00 -17.95
C ILE A 153 -3.24 24.43 -18.26
N SER A 154 -4.24 24.61 -19.13
CA SER A 154 -4.67 25.95 -19.51
C SER A 154 -5.20 26.72 -18.32
N VAL A 155 -5.90 26.04 -17.41
CA VAL A 155 -6.39 26.71 -16.21
C VAL A 155 -5.24 27.07 -15.29
N ILE A 156 -4.33 26.13 -15.03
CA ILE A 156 -3.30 26.35 -14.03
C ILE A 156 -2.34 27.45 -14.48
N ILE A 157 -1.86 27.36 -15.72
CA ILE A 157 -0.92 28.34 -16.26
C ILE A 157 -1.46 28.89 -17.56
N ASP A 158 -1.04 30.10 -17.91
CA ASP A 158 -1.46 30.75 -19.15
C ASP A 158 -0.70 30.15 -20.34
N VAL A 159 -0.93 28.86 -20.55
CA VAL A 159 -0.28 28.09 -21.61
C VAL A 159 -1.35 27.57 -22.54
N ASP A 160 -1.10 27.69 -23.85
CA ASP A 160 -2.05 27.23 -24.84
C ASP A 160 -2.31 25.73 -24.70
N MET A 161 -3.56 25.34 -24.88
CA MET A 161 -3.92 23.93 -24.77
C MET A 161 -3.21 23.09 -25.83
N HIS A 162 -3.13 23.61 -27.05
CA HIS A 162 -2.55 22.84 -28.15
C HIS A 162 -1.10 22.48 -27.86
N ILE A 163 -0.32 23.45 -27.38
CA ILE A 163 1.09 23.21 -27.11
C ILE A 163 1.25 22.16 -26.02
N SER A 164 0.47 22.28 -24.95
CA SER A 164 0.60 21.33 -23.84
C SER A 164 0.22 19.91 -24.27
N VAL A 165 -0.90 19.77 -24.97
CA VAL A 165 -1.31 18.42 -25.38
C VAL A 165 -0.32 17.85 -26.38
N ILE A 166 0.21 18.68 -27.28
CA ILE A 166 1.18 18.19 -28.26
C ILE A 166 2.44 17.71 -27.56
N ILE A 167 2.94 18.49 -26.59
CA ILE A 167 4.16 18.11 -25.90
C ILE A 167 3.95 16.82 -25.11
N SER A 168 2.83 16.73 -24.38
CA SER A 168 2.58 15.53 -23.57
C SER A 168 2.41 14.30 -24.44
N ALA A 169 1.67 14.43 -25.54
CA ALA A 169 1.48 13.29 -26.44
C ALA A 169 2.79 12.88 -27.10
N LEU A 170 3.61 13.85 -27.51
CA LEU A 170 4.90 13.53 -28.08
C LEU A 170 5.78 12.80 -27.07
N ILE A 171 5.70 13.19 -25.80
CA ILE A 171 6.40 12.47 -24.74
C ILE A 171 5.91 11.03 -24.66
N ALA A 172 4.59 10.84 -24.71
CA ALA A 172 4.04 9.49 -24.61
C ALA A 172 4.49 8.62 -25.78
N THR A 173 4.47 9.16 -27.00
CA THR A 173 4.94 8.40 -28.15
C THR A 173 6.44 8.12 -28.06
N LEU A 174 7.23 9.11 -27.63
CA LEU A 174 8.66 8.87 -27.46
C LEU A 174 8.93 7.80 -26.42
N TYR A 175 8.02 7.61 -25.47
CA TYR A 175 8.17 6.51 -24.53
C TYR A 175 7.83 5.18 -25.18
N THR A 176 6.58 5.04 -25.64
CA THR A 176 6.07 3.76 -26.10
C THR A 176 6.52 3.39 -27.51
N LEU A 177 7.34 4.22 -28.15
CA LEU A 177 7.95 3.89 -29.43
C LEU A 177 9.34 3.31 -29.22
N VAL A 178 10.16 3.97 -28.40
CA VAL A 178 11.48 3.45 -28.10
C VAL A 178 11.39 2.21 -27.21
N GLY A 179 10.36 2.11 -26.37
CA GLY A 179 10.22 0.98 -25.48
C GLY A 179 8.82 0.41 -25.54
N GLY A 180 8.68 -0.80 -24.99
CA GLY A 180 7.40 -1.47 -24.97
C GLY A 180 6.81 -1.55 -23.58
N LEU A 181 6.38 -2.75 -23.19
CA LEU A 181 5.73 -2.94 -21.90
C LEU A 181 6.67 -2.61 -20.74
N TYR A 182 7.92 -3.02 -20.85
CA TYR A 182 8.88 -2.73 -19.79
C TYR A 182 9.00 -1.23 -19.58
N SER A 183 9.25 -0.49 -20.66
CA SER A 183 9.42 0.96 -20.54
C SER A 183 8.16 1.62 -20.01
N VAL A 184 6.99 1.19 -20.50
CA VAL A 184 5.76 1.82 -20.06
C VAL A 184 5.49 1.54 -18.59
N ALA A 185 5.81 0.33 -18.11
CA ALA A 185 5.60 0.00 -16.71
C ALA A 185 6.60 0.74 -15.82
N TYR A 186 7.85 0.86 -16.26
CA TYR A 186 8.84 1.59 -15.48
C TYR A 186 8.49 3.07 -15.39
N THR A 187 7.92 3.64 -16.45
CA THR A 187 7.44 5.02 -16.35
C THR A 187 6.24 5.12 -15.42
N ASP A 188 5.29 4.18 -15.54
CA ASP A 188 4.08 4.23 -14.71
C ASP A 188 4.39 4.08 -13.23
N VAL A 189 5.47 3.35 -12.90
CA VAL A 189 5.81 3.18 -11.49
C VAL A 189 6.16 4.53 -10.86
N VAL A 190 6.95 5.34 -11.56
CA VAL A 190 7.27 6.67 -11.05
C VAL A 190 6.04 7.57 -11.10
N GLN A 191 5.23 7.43 -12.15
CA GLN A 191 4.05 8.29 -12.29
C GLN A 191 3.05 8.05 -11.17
N LEU A 192 2.93 6.81 -10.71
CA LEU A 192 2.04 6.51 -9.59
C LEU A 192 2.43 7.31 -8.35
N PHE A 193 3.71 7.26 -7.98
CA PHE A 193 4.17 8.00 -6.82
C PHE A 193 3.99 9.50 -7.03
N CYS A 194 4.20 9.97 -8.26
CA CYS A 194 4.00 11.38 -8.55
C CYS A 194 2.55 11.80 -8.28
N ILE A 195 1.60 11.04 -8.81
CA ILE A 195 0.19 11.40 -8.61
C ILE A 195 -0.20 11.27 -7.15
N PHE A 196 0.35 10.27 -6.44
CA PHE A 196 0.03 10.12 -5.03
C PHE A 196 0.52 11.32 -4.22
N VAL A 197 1.80 11.66 -4.36
CA VAL A 197 2.37 12.76 -3.61
C VAL A 197 1.80 14.10 -4.04
N GLY A 198 1.21 14.18 -5.23
CA GLY A 198 0.55 15.40 -5.63
C GLY A 198 -0.84 15.53 -5.07
N LEU A 199 -1.67 14.48 -5.26
CA LEU A 199 -3.06 14.56 -4.85
C LEU A 199 -3.23 14.54 -3.34
N TRP A 200 -2.56 13.60 -2.66
CA TRP A 200 -2.82 13.45 -1.23
C TRP A 200 -2.20 14.56 -0.39
N ILE A 201 -1.34 15.40 -0.97
CA ILE A 201 -0.72 16.48 -0.22
C ILE A 201 -1.52 17.77 -0.29
N SER A 202 -2.49 17.87 -1.19
CA SER A 202 -3.28 19.08 -1.37
C SER A 202 -4.59 19.06 -0.59
N VAL A 203 -4.87 18.00 0.15
CA VAL A 203 -6.10 17.89 0.92
C VAL A 203 -6.03 18.77 2.16
N PRO A 204 -5.02 18.65 3.03
CA PRO A 204 -4.96 19.54 4.19
C PRO A 204 -4.82 21.00 3.82
N PHE A 205 -4.15 21.30 2.70
CA PHE A 205 -4.03 22.68 2.26
C PHE A 205 -5.39 23.29 1.94
N ALA A 206 -6.23 22.55 1.22
CA ALA A 206 -7.53 23.07 0.82
C ALA A 206 -8.53 23.06 1.99
N LEU A 207 -8.46 22.03 2.83
CA LEU A 207 -9.43 21.91 3.92
C LEU A 207 -9.28 23.05 4.92
N SER A 208 -8.05 23.45 5.21
CA SER A 208 -7.78 24.49 6.20
C SER A 208 -7.93 25.89 5.66
N HIS A 209 -8.58 26.06 4.51
CA HIS A 209 -8.77 27.39 3.96
C HIS A 209 -9.77 28.18 4.80
N PRO A 210 -9.49 29.45 5.09
CA PRO A 210 -10.46 30.26 5.84
C PRO A 210 -11.80 30.41 5.14
N ALA A 211 -11.81 30.46 3.80
CA ALA A 211 -13.06 30.65 3.07
C ALA A 211 -13.99 29.45 3.19
N VAL A 212 -13.42 28.23 3.17
CA VAL A 212 -14.24 27.03 3.14
C VAL A 212 -15.02 26.90 4.43
N ALA A 213 -16.19 26.26 4.34
CA ALA A 213 -17.05 26.01 5.49
C ALA A 213 -16.81 24.58 5.99
N ASP A 214 -17.63 24.14 6.93
CA ASP A 214 -17.54 22.78 7.47
C ASP A 214 -18.11 21.81 6.45
N ILE A 215 -17.25 20.96 5.88
CA ILE A 215 -17.69 20.03 4.85
C ILE A 215 -18.61 18.96 5.42
N GLY A 216 -18.58 18.72 6.73
CA GLY A 216 -19.48 17.75 7.32
C GLY A 216 -20.89 18.26 7.51
N PHE A 217 -21.05 19.57 7.64
CA PHE A 217 -22.39 20.14 7.80
C PHE A 217 -23.17 20.10 6.50
N THR A 218 -22.48 20.21 5.36
CA THR A 218 -23.14 20.26 4.06
C THR A 218 -23.48 18.88 3.52
N ALA A 219 -23.00 17.80 4.15
CA ALA A 219 -23.28 16.47 3.66
C ALA A 219 -24.72 16.05 3.90
N VAL A 220 -25.42 16.72 4.82
CA VAL A 220 -26.80 16.35 5.15
C VAL A 220 -27.67 17.60 5.18
N HIS A 221 -27.05 18.77 5.19
CA HIS A 221 -27.75 20.06 5.10
C HIS A 221 -27.32 20.79 3.84
N ALA A 222 -27.94 21.94 3.60
CA ALA A 222 -27.72 22.74 2.40
C ALA A 222 -27.01 24.03 2.78
N LYS A 223 -25.99 24.39 2.01
CA LYS A 223 -25.25 25.63 2.22
C LYS A 223 -24.72 26.11 0.87
N TYR A 224 -25.27 27.21 0.38
CA TYR A 224 -24.95 27.83 -0.91
C TYR A 224 -25.49 27.01 -2.08
N GLN A 225 -26.00 25.81 -1.80
CA GLN A 225 -26.48 24.90 -2.83
C GLN A 225 -27.07 23.64 -2.20
N LYS A 226 -27.52 22.71 -3.04
CA LYS A 226 -28.02 21.44 -2.55
C LYS A 226 -26.88 20.65 -1.89
N PRO A 227 -27.21 19.76 -0.95
CA PRO A 227 -26.16 18.99 -0.28
C PRO A 227 -25.37 18.15 -1.26
N TRP A 228 -24.07 18.01 -0.99
CA TRP A 228 -23.17 17.31 -1.90
C TRP A 228 -23.25 15.79 -1.77
N LEU A 229 -24.01 15.26 -0.81
CA LEU A 229 -24.19 13.82 -0.73
C LEU A 229 -24.98 13.31 -1.92
N GLY A 230 -26.12 13.93 -2.21
CA GLY A 230 -26.88 13.63 -3.42
C GLY A 230 -27.54 12.27 -3.44
N THR A 231 -28.56 12.08 -2.61
CA THR A 231 -29.31 10.83 -2.62
C THR A 231 -29.99 10.64 -3.97
N VAL A 232 -30.10 9.38 -4.39
CA VAL A 232 -30.70 9.03 -5.67
C VAL A 232 -32.19 8.78 -5.46
N ASP A 233 -33.02 9.40 -6.29
CA ASP A 233 -34.46 9.24 -6.19
C ASP A 233 -34.88 7.85 -6.62
N SER A 234 -36.02 7.39 -6.10
CA SER A 234 -36.52 6.07 -6.41
C SER A 234 -36.94 5.94 -7.87
N SER A 235 -37.23 7.04 -8.55
CA SER A 235 -37.65 6.99 -9.95
C SER A 235 -36.47 6.80 -10.91
N GLU A 236 -35.23 6.86 -10.42
CA GLU A 236 -34.06 6.71 -11.26
C GLU A 236 -33.14 5.59 -10.77
N VAL A 237 -33.67 4.61 -10.05
CA VAL A 237 -32.85 3.51 -9.55
C VAL A 237 -32.37 2.65 -10.70
N TYR A 238 -33.21 2.45 -11.72
CA TYR A 238 -32.81 1.63 -12.86
C TYR A 238 -31.61 2.23 -13.58
N SER A 239 -31.60 3.56 -13.73
CA SER A 239 -30.45 4.21 -14.37
C SER A 239 -29.19 4.03 -13.53
N TRP A 240 -29.30 4.15 -12.21
CA TRP A 240 -28.14 3.95 -11.35
C TRP A 240 -27.61 2.53 -11.48
N LEU A 241 -28.51 1.54 -11.49
CA LEU A 241 -28.07 0.15 -11.65
C LEU A 241 -27.43 -0.08 -13.01
N ASP A 242 -27.98 0.56 -14.06
CA ASP A 242 -27.38 0.47 -15.39
C ASP A 242 -25.96 1.03 -15.39
N SER A 243 -25.77 2.21 -14.78
CA SER A 243 -24.44 2.81 -14.73
C SER A 243 -23.48 1.94 -13.92
N PHE A 244 -23.95 1.38 -12.81
CA PHE A 244 -23.10 0.51 -12.01
C PHE A 244 -22.70 -0.74 -12.78
N LEU A 245 -23.65 -1.35 -13.49
CA LEU A 245 -23.33 -2.54 -14.28
C LEU A 245 -22.34 -2.21 -15.38
N LEU A 246 -22.52 -1.06 -16.04
CA LEU A 246 -21.58 -0.65 -17.09
C LEU A 246 -20.18 -0.47 -16.52
N LEU A 247 -20.05 0.29 -15.44
CA LEU A 247 -18.74 0.52 -14.87
C LEU A 247 -18.16 -0.71 -14.16
N MET A 248 -18.99 -1.72 -13.91
CA MET A 248 -18.53 -2.94 -13.25
C MET A 248 -18.07 -4.01 -14.24
N LEU A 249 -18.78 -4.19 -15.35
CA LEU A 249 -18.47 -5.24 -16.30
C LEU A 249 -17.96 -4.72 -17.64
N GLY A 250 -17.75 -3.41 -17.77
CA GLY A 250 -17.28 -2.88 -19.03
C GLY A 250 -15.84 -2.43 -18.99
N GLY A 251 -15.23 -2.47 -17.80
CA GLY A 251 -13.83 -2.12 -17.65
C GLY A 251 -12.94 -3.34 -17.59
N ILE A 252 -13.55 -4.52 -17.48
CA ILE A 252 -12.82 -5.77 -17.43
C ILE A 252 -12.34 -6.24 -18.81
N PRO A 253 -13.14 -6.15 -19.91
CA PRO A 253 -12.63 -6.67 -21.19
C PRO A 253 -11.87 -5.61 -21.98
N TRP A 254 -10.86 -5.02 -21.34
CA TRP A 254 -10.06 -3.96 -21.93
C TRP A 254 -8.63 -4.44 -22.10
N GLN A 255 -8.05 -4.17 -23.27
CA GLN A 255 -6.72 -4.69 -23.58
C GLN A 255 -5.66 -4.17 -22.61
N ALA A 256 -5.89 -3.02 -21.98
CA ALA A 256 -4.98 -2.55 -20.95
C ALA A 256 -4.91 -3.52 -19.79
N TYR A 257 -6.06 -4.07 -19.38
CA TYR A 257 -6.10 -5.07 -18.32
C TYR A 257 -5.35 -6.35 -18.72
N PHE A 258 -5.62 -6.85 -19.93
CA PHE A 258 -5.08 -8.13 -20.31
C PHE A 258 -3.59 -8.06 -20.67
N GLN A 259 -3.11 -6.92 -21.15
CA GLN A 259 -1.68 -6.77 -21.38
C GLN A 259 -0.91 -6.85 -20.07
N ARG A 260 -1.45 -6.26 -19.01
CA ARG A 260 -0.77 -6.31 -17.72
C ARG A 260 -0.93 -7.66 -17.02
N VAL A 261 -2.06 -8.34 -17.18
CA VAL A 261 -2.16 -9.67 -16.57
C VAL A 261 -1.27 -10.65 -17.31
N LEU A 262 -1.20 -10.56 -18.63
CA LEU A 262 -0.36 -11.47 -19.41
C LEU A 262 1.08 -11.00 -19.44
N SER A 263 1.62 -10.65 -18.27
CA SER A 263 3.04 -10.34 -18.15
C SER A 263 3.66 -10.87 -16.86
N SER A 264 2.87 -11.28 -15.88
CA SER A 264 3.42 -11.80 -14.64
C SER A 264 3.97 -13.21 -14.84
N SER A 265 4.94 -13.57 -14.03
CA SER A 265 5.60 -14.88 -14.16
C SER A 265 4.66 -16.03 -13.84
N SER A 266 3.57 -15.79 -13.11
CA SER A 266 2.63 -16.83 -12.74
C SER A 266 1.22 -16.27 -12.81
N ALA A 267 0.25 -17.04 -12.34
CA ALA A 267 -1.15 -16.64 -12.34
C ALA A 267 -1.59 -16.01 -11.02
N THR A 268 -1.15 -16.56 -9.88
CA THR A 268 -1.48 -15.96 -8.60
C THR A 268 -0.93 -14.56 -8.49
N TYR A 269 0.20 -14.29 -9.15
CA TYR A 269 0.75 -12.93 -9.17
C TYR A 269 -0.27 -11.96 -9.75
N ALA A 270 -0.86 -12.29 -10.89
CA ALA A 270 -1.87 -11.41 -11.48
C ALA A 270 -3.14 -11.39 -10.64
N GLN A 271 -3.49 -12.53 -10.04
CA GLN A 271 -4.69 -12.59 -9.21
C GLN A 271 -4.61 -11.60 -8.06
N VAL A 272 -3.46 -11.53 -7.39
CA VAL A 272 -3.31 -10.54 -6.32
C VAL A 272 -2.97 -9.16 -6.87
N LEU A 273 -2.44 -9.07 -8.08
CA LEU A 273 -2.22 -7.79 -8.73
C LEU A 273 -3.54 -7.05 -8.92
N SER A 274 -4.59 -7.78 -9.29
CA SER A 274 -5.90 -7.16 -9.46
C SER A 274 -6.39 -6.54 -8.15
N PHE A 275 -6.22 -7.25 -7.03
CA PHE A 275 -6.67 -6.72 -5.75
C PHE A 275 -5.83 -5.52 -5.32
N LEU A 276 -4.52 -5.58 -5.57
CA LEU A 276 -3.67 -4.42 -5.28
C LEU A 276 -4.10 -3.22 -6.11
N ALA A 277 -4.46 -3.44 -7.37
CA ALA A 277 -4.93 -2.36 -8.23
C ALA A 277 -6.23 -1.77 -7.70
N ALA A 278 -7.15 -2.63 -7.25
CA ALA A 278 -8.41 -2.13 -6.69
C ALA A 278 -8.17 -1.28 -5.45
N PHE A 279 -7.28 -1.73 -4.57
CA PHE A 279 -6.96 -0.95 -3.38
C PHE A 279 -6.34 0.39 -3.75
N GLY A 280 -5.41 0.37 -4.72
CA GLY A 280 -4.81 1.63 -5.16
C GLY A 280 -5.83 2.56 -5.79
N CYS A 281 -6.79 2.01 -6.52
CA CYS A 281 -7.84 2.84 -7.12
C CYS A 281 -8.69 3.51 -6.05
N LEU A 282 -9.05 2.76 -5.00
CA LEU A 282 -9.80 3.37 -3.90
C LEU A 282 -8.98 4.46 -3.20
N VAL A 283 -7.69 4.19 -2.97
CA VAL A 283 -6.82 5.16 -2.31
C VAL A 283 -6.71 6.42 -3.15
N MET A 284 -6.65 6.27 -4.48
CA MET A 284 -6.60 7.44 -5.36
C MET A 284 -7.94 8.17 -5.41
N ALA A 285 -9.05 7.44 -5.28
CA ALA A 285 -10.36 8.05 -5.40
C ALA A 285 -10.71 8.87 -4.17
N ILE A 286 -10.19 8.49 -2.99
CA ILE A 286 -10.53 9.22 -1.76
C ILE A 286 -10.20 10.70 -1.85
N PRO A 287 -8.97 11.12 -2.22
CA PRO A 287 -8.70 12.57 -2.30
C PRO A 287 -9.54 13.30 -3.32
N ALA A 288 -9.90 12.66 -4.43
CA ALA A 288 -10.77 13.29 -5.41
C ALA A 288 -12.13 13.61 -4.81
N ILE A 289 -12.69 12.65 -4.07
CA ILE A 289 -13.97 12.88 -3.40
C ILE A 289 -13.84 13.99 -2.38
N LEU A 290 -12.73 14.00 -1.62
CA LEU A 290 -12.53 15.05 -0.64
C LEU A 290 -12.44 16.43 -1.29
N ILE A 291 -11.74 16.53 -2.41
CA ILE A 291 -11.59 17.82 -3.09
C ILE A 291 -12.92 18.26 -3.69
N GLY A 292 -13.69 17.33 -4.24
CA GLY A 292 -15.01 17.66 -4.72
C GLY A 292 -15.90 18.18 -3.61
N ALA A 293 -15.84 17.54 -2.43
CA ALA A 293 -16.60 18.01 -1.28
C ALA A 293 -16.16 19.40 -0.85
N ILE A 294 -14.85 19.65 -0.84
CA ILE A 294 -14.34 20.96 -0.45
C ILE A 294 -14.84 22.02 -1.41
N GLY A 295 -14.77 21.74 -2.71
CA GLY A 295 -15.28 22.69 -3.69
C GLY A 295 -16.77 22.91 -3.58
N ALA A 296 -17.52 21.86 -3.22
CA ALA A 296 -18.97 21.99 -3.10
C ALA A 296 -19.35 22.79 -1.86
N SER A 297 -18.60 22.63 -0.77
CA SER A 297 -18.92 23.24 0.51
C SER A 297 -18.09 24.49 0.78
N THR A 298 -17.70 25.21 -0.26
CA THR A 298 -16.98 26.47 -0.11
C THR A 298 -17.74 27.56 -0.85
N ASP A 299 -17.57 28.80 -0.40
CA ASP A 299 -18.25 29.95 -0.98
C ASP A 299 -17.24 30.82 -1.70
N TRP A 300 -17.53 31.13 -2.96
CA TRP A 300 -16.77 32.12 -3.69
C TRP A 300 -17.22 33.50 -3.24
N ASN A 301 -16.81 34.55 -3.96
CA ASN A 301 -17.01 35.95 -3.59
C ASN A 301 -16.18 36.31 -2.37
N GLN A 302 -15.48 35.35 -1.78
CA GLN A 302 -14.46 35.59 -0.77
C GLN A 302 -13.07 35.19 -1.23
N THR A 303 -12.97 34.44 -2.32
CA THR A 303 -11.71 33.98 -2.87
C THR A 303 -11.34 34.84 -4.07
N ALA A 304 -10.18 34.55 -4.69
CA ALA A 304 -9.72 35.31 -5.83
C ALA A 304 -10.58 35.10 -7.08
N TYR A 305 -11.42 34.07 -7.11
CA TYR A 305 -12.29 33.85 -8.26
C TYR A 305 -13.25 35.00 -8.48
N GLY A 306 -14.16 35.21 -7.53
CA GLY A 306 -15.13 36.28 -7.66
C GLY A 306 -16.56 35.84 -7.42
N LEU A 307 -17.50 36.58 -8.01
CA LEU A 307 -18.92 36.35 -7.78
C LEU A 307 -19.46 35.12 -8.52
N PRO A 308 -19.26 34.99 -9.83
CA PRO A 308 -19.87 33.85 -10.54
C PRO A 308 -19.18 32.54 -10.17
N ASP A 309 -19.98 31.58 -9.71
CA ASP A 309 -19.47 30.28 -9.34
C ASP A 309 -19.15 29.45 -10.58
N PRO A 310 -18.31 28.43 -10.44
CA PRO A 310 -18.01 27.56 -11.59
C PRO A 310 -19.25 26.89 -12.19
N LYS A 311 -20.26 26.60 -11.36
CA LYS A 311 -21.46 25.94 -11.88
C LYS A 311 -22.17 26.84 -12.90
N THR A 312 -22.30 28.13 -12.61
CA THR A 312 -22.99 29.02 -13.52
C THR A 312 -22.19 29.24 -14.81
N THR A 313 -20.87 29.34 -14.68
CA THR A 313 -20.03 29.54 -15.86
C THR A 313 -19.87 28.26 -16.68
N GLU A 314 -20.36 27.13 -16.18
CA GLU A 314 -20.34 25.86 -16.91
C GLU A 314 -18.91 25.40 -17.21
N GLU A 315 -18.09 25.38 -16.15
CA GLU A 315 -16.74 24.82 -16.24
C GLU A 315 -16.48 23.84 -15.11
N ALA A 316 -17.54 23.20 -14.61
CA ALA A 316 -17.43 22.27 -13.49
C ALA A 316 -16.71 20.98 -13.84
N ASP A 317 -16.45 20.73 -15.13
CA ASP A 317 -15.72 19.52 -15.51
C ASP A 317 -14.28 19.53 -15.00
N MET A 318 -13.79 20.72 -14.63
CA MET A 318 -12.42 20.86 -14.11
C MET A 318 -12.49 21.48 -12.71
N ILE A 319 -13.38 20.99 -11.89
CA ILE A 319 -13.53 21.46 -10.50
C ILE A 319 -12.29 21.14 -9.66
N LEU A 320 -11.53 20.09 -10.03
CA LEU A 320 -10.37 19.74 -9.23
C LEU A 320 -9.24 20.76 -9.39
N PRO A 321 -8.75 21.07 -10.62
CA PRO A 321 -7.68 22.07 -10.73
C PRO A 321 -8.14 23.50 -10.52
N ILE A 322 -9.39 23.68 -10.08
CA ILE A 322 -9.83 25.01 -9.66
C ILE A 322 -9.69 25.17 -8.16
N VAL A 323 -10.02 24.13 -7.39
CA VAL A 323 -9.69 24.12 -5.97
C VAL A 323 -8.19 24.10 -5.80
N LEU A 324 -7.51 23.25 -6.57
CA LEU A 324 -6.06 23.14 -6.49
C LEU A 324 -5.35 24.45 -6.80
N GLN A 325 -6.02 25.37 -7.49
CA GLN A 325 -5.42 26.66 -7.84
C GLN A 325 -5.83 27.76 -6.87
N TYR A 326 -7.12 27.96 -6.67
CA TYR A 326 -7.60 29.10 -5.89
C TYR A 326 -7.74 28.82 -4.41
N LEU A 327 -7.56 27.58 -3.96
CA LEU A 327 -7.65 27.24 -2.54
C LEU A 327 -6.35 26.67 -2.00
N CYS A 328 -5.27 26.73 -2.77
CA CYS A 328 -3.97 26.22 -2.35
C CYS A 328 -2.90 27.18 -2.85
N PRO A 329 -1.74 27.21 -2.19
CA PRO A 329 -0.65 28.06 -2.68
C PRO A 329 -0.12 27.59 -4.03
N VAL A 330 0.76 28.40 -4.60
CA VAL A 330 1.29 28.13 -5.93
C VAL A 330 2.11 26.85 -5.93
N TYR A 331 2.96 26.65 -4.91
CA TYR A 331 3.82 25.48 -4.89
C TYR A 331 3.06 24.19 -4.58
N ILE A 332 1.80 24.27 -4.19
CA ILE A 332 0.96 23.09 -4.06
C ILE A 332 0.18 22.90 -5.34
N SER A 333 -0.20 24.01 -5.97
CA SER A 333 -0.89 23.95 -7.25
C SER A 333 -0.02 23.29 -8.31
N PHE A 334 1.28 23.61 -8.32
CA PHE A 334 2.18 23.00 -9.28
C PHE A 334 2.33 21.50 -9.03
N PHE A 335 2.40 21.10 -7.75
CA PHE A 335 2.48 19.67 -7.44
C PHE A 335 1.22 18.94 -7.91
N GLY A 336 0.05 19.54 -7.68
CA GLY A 336 -1.18 18.90 -8.12
C GLY A 336 -1.28 18.83 -9.63
N LEU A 337 -0.82 19.88 -10.33
CA LEU A 337 -0.79 19.86 -11.77
C LEU A 337 0.12 18.76 -12.29
N GLY A 338 1.29 18.61 -11.66
CA GLY A 338 2.18 17.51 -12.03
C GLY A 338 1.55 16.17 -11.79
N ALA A 339 0.79 16.02 -10.70
CA ALA A 339 0.11 14.78 -10.42
C ALA A 339 -0.92 14.46 -11.50
N VAL A 340 -1.74 15.45 -11.87
CA VAL A 340 -2.75 15.23 -12.90
C VAL A 340 -2.08 14.89 -14.23
N SER A 341 -1.02 15.60 -14.57
CA SER A 341 -0.30 15.32 -15.82
C SER A 341 0.29 13.93 -15.82
N ALA A 342 0.85 13.49 -14.68
CA ALA A 342 1.43 12.16 -14.61
C ALA A 342 0.36 11.08 -14.78
N ALA A 343 -0.80 11.25 -14.13
CA ALA A 343 -1.88 10.28 -14.31
C ALA A 343 -2.35 10.25 -15.76
N VAL A 344 -2.48 11.42 -16.36
CA VAL A 344 -2.92 11.50 -17.76
C VAL A 344 -1.94 10.78 -18.66
N MET A 345 -0.64 11.03 -18.46
CA MET A 345 0.38 10.39 -19.27
C MET A 345 0.35 8.88 -19.10
N SER A 346 0.20 8.41 -17.86
CA SER A 346 0.15 6.98 -17.61
C SER A 346 -1.00 6.32 -18.37
N SER A 347 -2.22 6.86 -18.20
CA SER A 347 -3.37 6.27 -18.87
C SER A 347 -3.22 6.34 -20.38
N ALA A 348 -2.75 7.48 -20.90
CA ALA A 348 -2.64 7.66 -22.35
C ALA A 348 -1.62 6.69 -22.95
N ASP A 349 -0.43 6.59 -22.35
CA ASP A 349 0.58 5.71 -22.92
C ASP A 349 0.15 4.26 -22.80
N SER A 350 -0.48 3.88 -21.68
CA SER A 350 -0.96 2.52 -21.54
C SER A 350 -1.99 2.19 -22.62
N SER A 351 -2.94 3.10 -22.84
CA SER A 351 -3.97 2.86 -23.84
C SER A 351 -3.38 2.77 -25.24
N ILE A 352 -2.45 3.67 -25.58
CA ILE A 352 -1.90 3.68 -26.93
C ILE A 352 -1.05 2.43 -27.16
N LEU A 353 -0.30 1.98 -26.14
CA LEU A 353 0.47 0.76 -26.28
C LEU A 353 -0.44 -0.45 -26.41
N SER A 354 -1.54 -0.49 -25.67
CA SER A 354 -2.47 -1.60 -25.80
C SER A 354 -3.08 -1.66 -27.19
N ALA A 355 -3.48 -0.51 -27.73
CA ALA A 355 -4.06 -0.48 -29.08
C ALA A 355 -3.03 -0.92 -30.13
N SER A 356 -1.80 -0.42 -30.02
CA SER A 356 -0.76 -0.82 -30.96
C SER A 356 -0.46 -2.32 -30.84
N SER A 357 -0.40 -2.84 -29.61
CA SER A 357 -0.14 -4.26 -29.42
C SER A 357 -1.24 -5.11 -30.01
N MET A 358 -2.50 -4.68 -29.85
CA MET A 358 -3.60 -5.39 -30.49
C MET A 358 -3.44 -5.40 -32.01
N PHE A 359 -3.27 -4.21 -32.60
CA PHE A 359 -3.32 -4.14 -34.06
C PHE A 359 -2.12 -4.82 -34.68
N ALA A 360 -0.91 -4.30 -34.38
CA ALA A 360 0.29 -4.69 -35.11
C ALA A 360 0.62 -6.17 -34.97
N ARG A 361 -0.11 -6.92 -34.16
CA ARG A 361 0.00 -8.36 -34.14
C ARG A 361 -1.24 -9.03 -34.74
N ASN A 362 -2.43 -8.80 -34.15
CA ASN A 362 -3.59 -9.59 -34.49
C ASN A 362 -4.24 -9.17 -35.80
N ILE A 363 -3.81 -8.08 -36.42
CA ILE A 363 -4.26 -7.71 -37.76
C ILE A 363 -3.17 -7.96 -38.80
N TYR A 364 -1.92 -7.75 -38.39
CA TYR A 364 -0.81 -7.86 -39.33
C TYR A 364 -0.14 -9.21 -39.52
N GLN A 365 0.14 -9.94 -38.44
CA GLN A 365 0.91 -11.17 -38.59
C GLN A 365 0.07 -12.44 -38.47
N LEU A 366 -1.20 -12.32 -38.09
CA LEU A 366 -2.10 -13.46 -38.06
C LEU A 366 -3.26 -13.30 -39.04
N SER A 367 -3.33 -12.20 -39.77
CA SER A 367 -4.41 -12.01 -40.72
C SER A 367 -3.94 -11.64 -42.12
N PHE A 368 -2.87 -10.84 -42.25
CA PHE A 368 -2.45 -10.34 -43.55
C PHE A 368 -1.14 -10.95 -44.03
N ARG A 369 -0.08 -10.88 -43.23
CA ARG A 369 1.22 -11.42 -43.60
C ARG A 369 1.58 -12.50 -42.58
N GLN A 370 1.14 -13.73 -42.86
CA GLN A 370 1.49 -14.85 -42.00
C GLN A 370 2.98 -15.15 -42.02
N ASN A 371 3.68 -14.76 -43.08
CA ASN A 371 5.12 -14.95 -43.21
C ASN A 371 5.78 -13.58 -43.28
N ALA A 372 6.45 -13.19 -42.19
CA ALA A 372 7.12 -11.89 -42.13
C ALA A 372 8.26 -11.97 -41.14
N SER A 373 9.32 -11.22 -41.42
CA SER A 373 10.48 -11.19 -40.55
C SER A 373 10.18 -10.43 -39.26
N ASP A 374 10.96 -10.72 -38.22
CA ASP A 374 10.78 -10.06 -36.94
C ASP A 374 11.08 -8.56 -37.04
N LYS A 375 12.06 -8.19 -37.86
CA LYS A 375 12.38 -6.79 -38.04
C LYS A 375 11.21 -6.03 -38.67
N GLU A 376 10.55 -6.64 -39.66
CA GLU A 376 9.39 -6.00 -40.27
C GLU A 376 8.30 -5.77 -39.24
N ILE A 377 8.04 -6.76 -38.39
CA ILE A 377 6.96 -6.63 -37.41
C ILE A 377 7.33 -5.60 -36.35
N VAL A 378 8.60 -5.54 -35.95
CA VAL A 378 8.98 -4.54 -34.95
C VAL A 378 8.93 -3.13 -35.53
N TRP A 379 9.27 -2.97 -36.82
CA TRP A 379 9.13 -1.67 -37.44
C TRP A 379 7.67 -1.28 -37.58
N VAL A 380 6.80 -2.25 -37.88
CA VAL A 380 5.37 -1.99 -37.87
C VAL A 380 4.91 -1.57 -36.49
N MET A 381 5.43 -2.23 -35.44
CA MET A 381 5.17 -1.87 -34.07
C MET A 381 5.49 -0.40 -33.82
N ARG A 382 6.71 0.00 -34.17
CA ARG A 382 7.20 1.34 -33.84
C ARG A 382 6.50 2.41 -34.66
N ILE A 383 6.15 2.13 -35.92
CA ILE A 383 5.42 3.12 -36.70
C ILE A 383 3.95 3.17 -36.28
N THR A 384 3.40 2.05 -35.81
CA THR A 384 2.00 2.01 -35.42
C THR A 384 1.77 2.78 -34.14
N VAL A 385 2.69 2.65 -33.17
CA VAL A 385 2.58 3.43 -31.94
C VAL A 385 2.50 4.92 -32.28
N PHE A 386 3.40 5.39 -33.15
CA PHE A 386 3.44 6.80 -33.50
C PHE A 386 2.17 7.23 -34.24
N VAL A 387 1.72 6.43 -35.22
CA VAL A 387 0.58 6.86 -36.02
C VAL A 387 -0.69 6.87 -35.18
N PHE A 388 -0.86 5.88 -34.30
CA PHE A 388 -2.06 5.87 -33.46
C PHE A 388 -2.02 6.98 -32.42
N GLY A 389 -0.85 7.27 -31.86
CA GLY A 389 -0.74 8.40 -30.97
C GLY A 389 -1.06 9.72 -31.66
N ALA A 390 -0.59 9.89 -32.90
CA ALA A 390 -0.90 11.09 -33.66
C ALA A 390 -2.39 11.19 -33.96
N SER A 391 -3.02 10.06 -34.30
CA SER A 391 -4.46 10.07 -34.54
C SER A 391 -5.24 10.45 -33.29
N ALA A 392 -4.85 9.90 -32.14
CA ALA A 392 -5.51 10.25 -30.89
C ALA A 392 -5.31 11.73 -30.57
N THR A 393 -4.10 12.25 -30.82
CA THR A 393 -3.85 13.67 -30.58
C THR A 393 -4.70 14.55 -31.47
N ALA A 394 -4.80 14.20 -32.75
CA ALA A 394 -5.61 14.98 -33.68
C ALA A 394 -7.08 14.96 -33.25
N MET A 395 -7.58 13.79 -32.85
CA MET A 395 -8.96 13.70 -32.39
C MET A 395 -9.18 14.54 -31.13
N ALA A 396 -8.21 14.52 -30.21
CA ALA A 396 -8.36 15.27 -28.97
C ALA A 396 -8.28 16.78 -29.20
N LEU A 397 -7.48 17.22 -30.16
CA LEU A 397 -7.22 18.64 -30.33
C LEU A 397 -8.20 19.31 -31.29
N LEU A 398 -8.51 18.67 -32.41
CA LEU A 398 -9.29 19.30 -33.47
C LEU A 398 -10.78 19.03 -33.37
N THR A 399 -11.23 18.36 -32.30
CA THR A 399 -12.64 18.02 -32.13
C THR A 399 -13.07 18.38 -30.72
N LYS A 400 -14.37 18.69 -30.58
CA LYS A 400 -14.94 19.08 -29.30
C LYS A 400 -15.97 18.09 -28.76
N THR A 401 -16.33 17.07 -29.52
CA THR A 401 -17.29 16.06 -29.08
C THR A 401 -16.60 14.78 -28.60
N VAL A 402 -15.43 14.92 -27.98
CA VAL A 402 -14.63 13.75 -27.62
C VAL A 402 -15.28 12.99 -26.46
N TYR A 403 -15.85 13.70 -25.49
CA TYR A 403 -16.32 13.06 -24.27
C TYR A 403 -17.50 12.12 -24.53
N GLY A 404 -18.52 12.60 -25.23
CA GLY A 404 -19.67 11.76 -25.51
C GLY A 404 -19.31 10.59 -26.42
N LEU A 405 -18.45 10.83 -27.40
CA LEU A 405 -17.98 9.75 -28.26
C LEU A 405 -17.23 8.72 -27.44
N TRP A 406 -16.44 9.15 -26.47
CA TRP A 406 -15.71 8.23 -25.61
C TRP A 406 -16.68 7.40 -24.76
N TYR A 407 -17.72 8.03 -24.22
CA TYR A 407 -18.72 7.29 -23.46
C TYR A 407 -19.39 6.24 -24.34
N LEU A 408 -19.78 6.62 -25.56
CA LEU A 408 -20.42 5.67 -26.46
C LEU A 408 -19.47 4.55 -26.85
N SER A 409 -18.19 4.87 -27.04
CA SER A 409 -17.21 3.85 -27.41
C SER A 409 -16.99 2.85 -26.27
N SER A 410 -16.93 3.35 -25.03
CA SER A 410 -16.83 2.43 -23.89
C SER A 410 -18.07 1.56 -23.79
N ASP A 411 -19.23 2.14 -24.07
CA ASP A 411 -20.46 1.37 -24.06
C ASP A 411 -20.36 0.25 -25.05
N LEU A 412 -20.01 0.60 -26.28
CA LEU A 412 -19.92 -0.38 -27.34
C LEU A 412 -18.91 -1.48 -27.00
N VAL A 413 -17.75 -1.09 -26.46
CA VAL A 413 -16.74 -2.06 -26.06
C VAL A 413 -17.32 -3.05 -25.08
N TYR A 414 -17.99 -2.54 -24.04
CA TYR A 414 -18.61 -3.40 -23.05
C TYR A 414 -19.61 -4.34 -23.72
N ILE A 415 -20.62 -3.78 -24.39
CA ILE A 415 -21.74 -4.56 -24.92
C ILE A 415 -21.24 -5.63 -25.89
N VAL A 416 -20.25 -5.31 -26.71
CA VAL A 416 -19.77 -6.27 -27.70
C VAL A 416 -18.83 -7.28 -27.07
N ILE A 417 -17.72 -6.80 -26.50
CA ILE A 417 -16.65 -7.70 -26.09
C ILE A 417 -17.08 -8.57 -24.92
N PHE A 418 -17.67 -7.97 -23.88
CA PHE A 418 -17.83 -8.70 -22.62
C PHE A 418 -18.65 -9.98 -22.76
N PRO A 419 -19.84 -9.98 -23.39
CA PRO A 419 -20.53 -11.27 -23.58
C PRO A 419 -19.74 -12.26 -24.42
N GLN A 420 -19.07 -11.78 -25.46
CA GLN A 420 -18.26 -12.69 -26.28
C GLN A 420 -17.07 -13.22 -25.50
N LEU A 421 -16.43 -12.38 -24.69
CA LEU A 421 -15.34 -12.87 -23.84
C LEU A 421 -15.84 -13.90 -22.85
N LEU A 422 -17.00 -13.64 -22.24
CA LEU A 422 -17.59 -14.61 -21.32
C LEU A 422 -17.84 -15.94 -22.02
N CYS A 423 -18.41 -15.90 -23.22
CA CYS A 423 -18.73 -17.13 -23.94
C CYS A 423 -17.46 -17.89 -24.31
N VAL A 424 -16.44 -17.19 -24.82
CA VAL A 424 -15.23 -17.90 -25.25
C VAL A 424 -14.44 -18.42 -24.06
N LEU A 425 -14.50 -17.74 -22.92
CA LEU A 425 -13.67 -18.14 -21.79
C LEU A 425 -14.33 -19.15 -20.87
N PHE A 426 -15.65 -19.14 -20.74
CA PHE A 426 -16.33 -19.97 -19.76
C PHE A 426 -17.13 -21.11 -20.38
N VAL A 427 -18.07 -20.80 -21.27
CA VAL A 427 -18.96 -21.84 -21.80
C VAL A 427 -18.25 -22.58 -22.93
N LYS A 428 -18.69 -23.81 -23.16
CA LYS A 428 -18.19 -24.62 -24.26
C LYS A 428 -19.01 -24.27 -25.52
N GLY A 429 -18.77 -25.01 -26.60
CA GLY A 429 -19.46 -24.72 -27.84
C GLY A 429 -19.09 -23.35 -28.39
N THR A 430 -20.02 -22.41 -28.28
CA THR A 430 -19.87 -21.00 -28.69
C THR A 430 -19.05 -20.88 -29.98
N ASN A 431 -19.54 -21.53 -31.02
CA ASN A 431 -18.93 -21.42 -32.33
C ASN A 431 -19.24 -20.05 -32.95
N THR A 432 -18.50 -19.73 -34.01
CA THR A 432 -18.63 -18.41 -34.63
C THR A 432 -19.99 -18.17 -35.26
N TYR A 433 -20.72 -19.24 -35.60
CA TYR A 433 -22.03 -19.08 -36.23
C TYR A 433 -22.97 -18.29 -35.33
N GLY A 434 -22.98 -18.60 -34.03
CA GLY A 434 -23.72 -17.79 -33.09
C GLY A 434 -23.05 -16.49 -32.72
N ALA A 435 -21.72 -16.43 -32.83
CA ALA A 435 -21.00 -15.21 -32.50
C ALA A 435 -21.36 -14.07 -33.44
N VAL A 436 -21.49 -14.37 -34.73
CA VAL A 436 -21.87 -13.33 -35.70
C VAL A 436 -23.24 -12.77 -35.35
N ALA A 437 -24.20 -13.65 -35.10
CA ALA A 437 -25.55 -13.21 -34.79
C ALA A 437 -25.59 -12.41 -33.49
N GLY A 438 -24.86 -12.87 -32.48
CA GLY A 438 -24.84 -12.14 -31.21
C GLY A 438 -24.24 -10.76 -31.35
N TYR A 439 -23.12 -10.66 -32.07
CA TYR A 439 -22.48 -9.37 -32.26
C TYR A 439 -23.38 -8.43 -33.03
N VAL A 440 -24.00 -8.92 -34.11
CA VAL A 440 -24.88 -8.05 -34.90
C VAL A 440 -26.06 -7.58 -34.07
N SER A 441 -26.68 -8.50 -33.33
CA SER A 441 -27.84 -8.15 -32.51
C SER A 441 -27.47 -7.13 -31.46
N GLY A 442 -26.37 -7.34 -30.75
CA GLY A 442 -25.96 -6.40 -29.72
C GLY A 442 -25.64 -5.03 -30.29
N LEU A 443 -24.88 -5.00 -31.39
CA LEU A 443 -24.50 -3.72 -31.99
C LEU A 443 -25.74 -2.94 -32.42
N PHE A 444 -26.64 -3.59 -33.16
CA PHE A 444 -27.81 -2.88 -33.67
C PHE A 444 -28.76 -2.49 -32.55
N LEU A 445 -28.90 -3.35 -31.53
CA LEU A 445 -29.76 -3.01 -30.40
C LEU A 445 -29.21 -1.81 -29.64
N ARG A 446 -27.88 -1.73 -29.49
CA ARG A 446 -27.29 -0.60 -28.78
C ARG A 446 -27.44 0.69 -29.57
N ILE A 447 -27.10 0.67 -30.86
CA ILE A 447 -27.22 1.90 -31.63
C ILE A 447 -28.69 2.31 -31.78
N THR A 448 -29.61 1.34 -31.73
CA THR A 448 -31.04 1.67 -31.71
C THR A 448 -31.55 1.93 -30.30
N GLY A 449 -30.72 1.72 -29.27
CA GLY A 449 -31.14 2.01 -27.91
C GLY A 449 -31.28 3.48 -27.60
N GLY A 450 -30.62 4.34 -28.38
CA GLY A 450 -30.75 5.79 -28.17
C GLY A 450 -29.44 6.41 -27.76
N GLU A 451 -29.11 7.52 -28.42
CA GLU A 451 -27.92 8.30 -28.10
C GLU A 451 -28.35 9.66 -27.56
N PRO A 452 -28.25 9.89 -26.25
CA PRO A 452 -28.80 11.13 -25.69
C PRO A 452 -27.78 12.25 -25.52
N TYR A 453 -26.49 11.97 -25.73
CA TYR A 453 -25.47 12.99 -25.48
C TYR A 453 -25.32 13.91 -26.68
N LEU A 454 -24.97 13.36 -27.83
CA LEU A 454 -24.80 14.15 -29.06
C LEU A 454 -26.12 14.45 -29.75
N TYR A 455 -27.25 14.19 -29.08
CA TYR A 455 -28.60 14.46 -29.58
C TYR A 455 -28.77 13.97 -31.01
N LEU A 456 -28.08 12.88 -31.36
CA LEU A 456 -28.08 12.43 -32.75
C LEU A 456 -29.42 11.81 -33.14
N GLN A 457 -29.78 10.69 -32.52
CA GLN A 457 -31.01 9.98 -32.86
C GLN A 457 -31.50 9.13 -31.69
N PRO A 458 -32.76 9.28 -31.27
CA PRO A 458 -33.30 8.36 -30.26
C PRO A 458 -33.82 7.06 -30.86
N LEU A 459 -34.28 7.12 -32.11
CA LEU A 459 -34.84 5.97 -32.81
C LEU A 459 -35.81 5.24 -31.88
N ILE A 460 -35.54 3.95 -31.62
CA ILE A 460 -36.44 3.15 -30.80
C ILE A 460 -36.72 3.77 -29.44
N PHE A 461 -37.99 3.93 -29.11
CA PHE A 461 -38.41 4.47 -27.82
C PHE A 461 -38.53 3.37 -26.79
N TYR A 462 -38.05 3.64 -25.59
CA TYR A 462 -38.17 2.74 -24.45
C TYR A 462 -38.98 3.43 -23.35
N PRO A 463 -39.60 2.66 -22.46
CA PRO A 463 -40.46 3.27 -21.43
C PRO A 463 -39.69 4.28 -20.58
N GLY A 464 -40.34 5.42 -20.33
CA GLY A 464 -39.75 6.51 -19.56
C GLY A 464 -39.86 7.82 -20.31
N TYR A 465 -39.61 7.76 -21.62
CA TYR A 465 -39.85 8.88 -22.55
C TYR A 465 -39.37 10.21 -22.00
N TYR A 466 -38.14 10.23 -21.49
CA TYR A 466 -37.60 11.43 -20.86
C TYR A 466 -37.24 12.47 -21.91
N PRO A 467 -37.85 13.68 -21.89
CA PRO A 467 -37.49 14.74 -22.84
C PRO A 467 -36.33 15.62 -22.33
N ASP A 468 -35.30 15.79 -23.14
CA ASP A 468 -34.17 16.64 -22.78
C ASP A 468 -34.47 18.08 -23.21
N ASP A 469 -33.44 18.93 -23.20
CA ASP A 469 -33.61 20.31 -23.61
C ASP A 469 -34.06 20.40 -25.07
N ASN A 470 -33.48 19.58 -25.94
CA ASN A 470 -33.88 19.54 -27.34
C ASN A 470 -35.15 18.74 -27.57
N GLY A 471 -35.69 18.09 -26.53
CA GLY A 471 -36.88 17.29 -26.66
C GLY A 471 -36.65 15.87 -27.10
N ILE A 472 -35.39 15.46 -27.31
CA ILE A 472 -35.10 14.09 -27.71
C ILE A 472 -35.45 13.15 -26.57
N TYR A 473 -36.17 12.08 -26.89
CA TYR A 473 -36.63 11.15 -25.87
C TYR A 473 -35.47 10.36 -25.31
N ASN A 474 -35.26 10.48 -23.99
CA ASN A 474 -34.24 9.70 -23.30
C ASN A 474 -34.85 8.45 -22.69
N GLN A 475 -33.99 7.46 -22.40
CA GLN A 475 -34.43 6.15 -21.98
C GLN A 475 -34.20 5.95 -20.49
N LYS A 476 -34.95 5.02 -19.92
CA LYS A 476 -34.88 4.67 -18.50
C LYS A 476 -34.61 3.18 -18.28
N PHE A 477 -35.23 2.34 -19.10
CA PHE A 477 -35.00 0.88 -19.01
C PHE A 477 -33.49 0.61 -19.03
N PRO A 478 -32.96 -0.47 -18.43
CA PRO A 478 -31.54 -0.77 -18.51
C PRO A 478 -31.18 -1.44 -19.83
N PHE A 479 -31.44 -0.74 -20.93
CA PHE A 479 -31.15 -1.28 -22.25
C PHE A 479 -29.65 -1.46 -22.46
N LYS A 480 -28.83 -0.68 -21.76
CA LYS A 480 -27.38 -0.83 -21.89
C LYS A 480 -26.90 -2.18 -21.38
N THR A 481 -27.62 -2.77 -20.43
CA THR A 481 -27.32 -4.13 -19.97
C THR A 481 -28.31 -5.16 -20.51
N LEU A 482 -29.49 -4.72 -20.94
CA LEU A 482 -30.40 -5.66 -21.57
C LEU A 482 -29.70 -6.11 -22.85
N ALA A 483 -29.05 -5.17 -23.52
CA ALA A 483 -28.37 -5.51 -24.76
C ALA A 483 -27.28 -6.56 -24.54
N MET A 484 -26.50 -6.43 -23.46
CA MET A 484 -25.46 -7.41 -23.19
C MET A 484 -26.08 -8.78 -22.87
N VAL A 485 -27.16 -8.79 -22.09
CA VAL A 485 -27.78 -10.07 -21.77
C VAL A 485 -28.42 -10.67 -23.02
N THR A 486 -29.00 -9.84 -23.88
CA THR A 486 -29.56 -10.33 -25.14
C THR A 486 -28.48 -10.93 -26.01
N SER A 487 -27.32 -10.26 -26.09
CA SER A 487 -26.21 -10.80 -26.86
C SER A 487 -25.76 -12.15 -26.31
N PHE A 488 -25.64 -12.25 -24.99
CA PHE A 488 -25.19 -13.50 -24.39
C PHE A 488 -26.15 -14.64 -24.71
N LEU A 489 -27.45 -14.44 -24.43
CA LEU A 489 -28.41 -15.52 -24.67
C LEU A 489 -28.52 -15.86 -26.15
N THR A 490 -28.53 -14.85 -27.03
CA THR A 490 -28.67 -15.19 -28.45
C THR A 490 -27.42 -15.89 -28.97
N ASN A 491 -26.23 -15.52 -28.49
CA ASN A 491 -25.04 -16.24 -28.89
C ASN A 491 -25.11 -17.70 -28.46
N ILE A 492 -25.45 -17.94 -27.19
CA ILE A 492 -25.54 -19.31 -26.71
C ILE A 492 -26.57 -20.10 -27.50
N CYS A 493 -27.77 -19.55 -27.66
CA CYS A 493 -28.86 -20.27 -28.30
C CYS A 493 -28.55 -20.56 -29.77
N ILE A 494 -28.04 -19.57 -30.49
CA ILE A 494 -27.78 -19.76 -31.92
C ILE A 494 -26.61 -20.71 -32.13
N SER A 495 -25.57 -20.61 -31.31
CA SER A 495 -24.45 -21.53 -31.45
C SER A 495 -24.90 -22.96 -31.18
N TYR A 496 -25.69 -23.17 -30.14
CA TYR A 496 -26.15 -24.53 -29.84
C TYR A 496 -27.12 -25.04 -30.90
N LEU A 497 -27.95 -24.15 -31.44
CA LEU A 497 -28.86 -24.55 -32.51
C LEU A 497 -28.08 -24.97 -33.75
N ALA A 498 -27.05 -24.22 -34.12
CA ALA A 498 -26.22 -24.59 -35.25
C ALA A 498 -25.51 -25.91 -35.01
N LYS A 499 -24.98 -26.10 -33.80
CA LYS A 499 -24.29 -27.35 -33.48
C LYS A 499 -25.24 -28.54 -33.56
N TYR A 500 -26.45 -28.38 -33.01
CA TYR A 500 -27.44 -29.45 -33.06
C TYR A 500 -27.88 -29.76 -34.48
N LEU A 501 -28.12 -28.72 -35.29
CA LEU A 501 -28.53 -28.93 -36.67
C LEU A 501 -27.44 -29.62 -37.48
N PHE A 502 -26.18 -29.24 -37.25
CA PHE A 502 -25.07 -29.92 -37.90
C PHE A 502 -24.98 -31.38 -37.46
N GLU A 503 -25.18 -31.63 -36.16
CA GLU A 503 -25.07 -32.99 -35.64
C GLU A 503 -26.14 -33.90 -36.22
N SER A 504 -27.39 -33.41 -36.31
CA SER A 504 -28.47 -34.23 -36.82
C SER A 504 -28.43 -34.41 -38.33
N GLY A 505 -27.71 -33.54 -39.04
CA GLY A 505 -27.66 -33.60 -40.48
C GLY A 505 -28.89 -33.06 -41.18
N THR A 506 -29.78 -32.39 -40.45
CA THR A 506 -30.99 -31.84 -41.07
C THR A 506 -30.65 -30.81 -42.13
N LEU A 507 -29.72 -29.90 -41.81
CA LEU A 507 -29.28 -28.96 -42.84
C LEU A 507 -28.06 -29.50 -43.55
N PRO A 508 -28.03 -29.49 -44.88
CA PRO A 508 -26.91 -30.10 -45.61
C PRO A 508 -25.59 -29.42 -45.29
N PRO A 509 -24.50 -30.18 -45.13
CA PRO A 509 -23.21 -29.58 -44.81
C PRO A 509 -22.56 -28.82 -45.96
N LYS A 510 -23.23 -28.74 -47.12
CA LYS A 510 -22.66 -28.04 -48.26
C LYS A 510 -22.47 -26.56 -47.96
N LEU A 511 -23.44 -25.95 -47.28
CA LEU A 511 -23.41 -24.52 -46.99
C LEU A 511 -22.75 -24.20 -45.65
N ASP A 512 -21.89 -25.08 -45.15
CA ASP A 512 -21.16 -24.83 -43.90
C ASP A 512 -20.04 -23.85 -44.21
N VAL A 513 -20.33 -22.56 -44.05
CA VAL A 513 -19.37 -21.53 -44.41
C VAL A 513 -18.15 -21.59 -43.48
N PHE A 514 -18.39 -21.68 -42.17
CA PHE A 514 -17.32 -21.66 -41.19
C PHE A 514 -17.04 -23.09 -40.72
N ASP A 515 -16.18 -23.23 -39.71
CA ASP A 515 -15.76 -24.53 -39.21
C ASP A 515 -16.54 -24.84 -37.94
N ALA A 516 -17.60 -25.64 -38.07
CA ALA A 516 -18.36 -26.10 -36.93
C ALA A 516 -18.73 -27.57 -37.01
N VAL A 517 -18.27 -28.29 -38.03
CA VAL A 517 -18.57 -29.72 -38.18
C VAL A 517 -17.72 -30.52 -37.22
N PHE B 3 -21.94 -0.72 31.32
CA PHE B 3 -20.87 -1.62 30.96
C PHE B 3 -20.75 -1.74 29.43
N HIS B 4 -21.84 -1.45 28.73
CA HIS B 4 -21.91 -1.50 27.27
C HIS B 4 -21.56 -2.90 26.77
N VAL B 5 -22.46 -3.84 27.10
CA VAL B 5 -22.27 -5.25 26.77
C VAL B 5 -21.99 -5.45 25.29
N GLU B 6 -22.47 -4.54 24.44
CA GLU B 6 -22.19 -4.67 23.01
C GLU B 6 -20.70 -4.59 22.74
N GLY B 7 -19.98 -3.72 23.44
CA GLY B 7 -18.54 -3.63 23.25
C GLY B 7 -17.81 -4.88 23.66
N LEU B 8 -18.16 -5.43 24.82
CA LEU B 8 -17.53 -6.67 25.28
C LEU B 8 -17.83 -7.82 24.33
N ILE B 9 -19.08 -7.91 23.85
CA ILE B 9 -19.44 -8.95 22.89
C ILE B 9 -18.63 -8.81 21.62
N ALA B 10 -18.50 -7.58 21.12
CA ALA B 10 -17.70 -7.37 19.91
C ALA B 10 -16.25 -7.75 20.13
N ILE B 11 -15.69 -7.39 21.29
CA ILE B 11 -14.29 -7.70 21.57
C ILE B 11 -14.08 -9.21 21.62
N ILE B 12 -14.98 -9.93 22.31
CA ILE B 12 -14.78 -11.37 22.45
C ILE B 12 -15.00 -12.08 21.12
N VAL B 13 -15.96 -11.62 20.31
CA VAL B 13 -16.15 -12.27 19.02
C VAL B 13 -14.99 -11.96 18.08
N PHE B 14 -14.41 -10.76 18.18
CA PHE B 14 -13.21 -10.48 17.40
C PHE B 14 -12.06 -11.38 17.82
N TYR B 15 -11.88 -11.57 19.13
CA TYR B 15 -10.85 -12.46 19.63
C TYR B 15 -11.07 -13.88 19.13
N LEU B 16 -12.32 -14.35 19.15
CA LEU B 16 -12.61 -15.69 18.66
C LEU B 16 -12.38 -15.80 17.17
N LEU B 17 -12.66 -14.73 16.42
CA LEU B 17 -12.41 -14.76 14.98
C LEU B 17 -10.92 -14.88 14.68
N ILE B 18 -10.09 -14.09 15.37
CA ILE B 18 -8.66 -14.18 15.09
C ILE B 18 -8.11 -15.51 15.61
N LEU B 19 -8.69 -16.05 16.68
CA LEU B 19 -8.30 -17.38 17.14
C LEU B 19 -8.65 -18.44 16.09
N LEU B 20 -9.81 -18.32 15.46
CA LEU B 20 -10.17 -19.23 14.38
C LEU B 20 -9.20 -19.11 13.22
N VAL B 21 -8.78 -17.88 12.90
CA VAL B 21 -7.80 -17.67 11.85
C VAL B 21 -6.48 -18.37 12.19
N GLY B 22 -6.04 -18.22 13.45
CA GLY B 22 -4.82 -18.89 13.87
C GLY B 22 -4.93 -20.40 13.83
N ILE B 23 -6.08 -20.93 14.22
CA ILE B 23 -6.30 -22.38 14.17
C ILE B 23 -6.28 -22.87 12.73
N TRP B 24 -6.90 -22.12 11.82
CA TRP B 24 -6.86 -22.50 10.41
C TRP B 24 -5.42 -22.47 9.88
N ALA B 25 -4.65 -21.46 10.28
CA ALA B 25 -3.24 -21.41 9.87
C ALA B 25 -2.47 -22.60 10.40
N ALA B 26 -2.72 -22.98 11.66
CA ALA B 26 -2.05 -24.15 12.23
C ALA B 26 -2.43 -25.42 11.49
N TRP B 27 -3.70 -25.55 11.09
CA TRP B 27 -4.12 -26.69 10.29
C TRP B 27 -3.41 -26.71 8.96
N ARG B 28 -3.29 -25.54 8.32
CA ARG B 28 -2.59 -25.47 7.03
C ARG B 28 -1.12 -25.84 7.17
N THR B 29 -0.49 -25.45 8.28
CA THR B 29 0.92 -25.72 8.51
C THR B 29 1.07 -27.13 9.06
N LYS B 30 0.97 -28.11 8.16
CA LYS B 30 1.18 -29.51 8.50
C LYS B 30 2.10 -30.23 7.53
N ASN B 31 2.38 -29.68 6.35
CA ASN B 31 3.27 -30.29 5.37
C ASN B 31 4.42 -29.36 5.01
N SER B 32 4.83 -28.50 5.94
CA SER B 32 5.92 -27.56 5.71
C SER B 32 7.23 -28.32 5.84
N GLY B 33 7.85 -28.63 4.71
CA GLY B 33 9.07 -29.42 4.70
C GLY B 33 8.80 -30.89 4.97
N SER B 34 9.89 -31.63 5.13
CA SER B 34 9.78 -33.05 5.43
C SER B 34 9.58 -33.23 6.94
N ALA B 35 9.66 -34.48 7.41
CA ALA B 35 9.24 -34.82 8.76
C ALA B 35 10.37 -34.77 9.79
N GLU B 36 11.61 -34.53 9.39
CA GLU B 36 12.72 -34.50 10.34
C GLU B 36 13.29 -33.10 10.56
N GLU B 37 12.64 -32.07 10.03
CA GLU B 37 13.05 -30.69 10.28
C GLU B 37 11.93 -29.91 10.95
N ARG B 38 11.21 -30.57 11.86
CA ARG B 38 10.05 -29.94 12.49
C ARG B 38 10.44 -28.68 13.24
N SER B 39 11.58 -28.71 13.94
CA SER B 39 12.04 -27.51 14.65
C SER B 39 12.32 -26.38 13.67
N GLU B 40 13.14 -26.65 12.66
CA GLU B 40 13.47 -25.62 11.68
C GLU B 40 12.22 -25.14 10.95
N ALA B 41 11.32 -26.08 10.62
CA ALA B 41 10.09 -25.71 9.94
C ALA B 41 9.26 -24.76 10.79
N ILE B 42 8.99 -25.15 12.04
CA ILE B 42 8.15 -24.31 12.90
C ILE B 42 8.83 -22.98 13.20
N ILE B 43 10.16 -22.93 13.11
CA ILE B 43 10.86 -21.71 13.47
C ILE B 43 10.89 -20.72 12.32
N VAL B 44 11.20 -21.18 11.10
CA VAL B 44 11.38 -20.26 9.98
C VAL B 44 10.31 -20.44 8.90
N GLY B 45 9.16 -21.04 9.23
CA GLY B 45 8.08 -21.08 8.26
C GLY B 45 8.37 -21.88 7.02
N GLY B 46 9.40 -22.74 7.05
CA GLY B 46 9.77 -23.47 5.85
C GLY B 46 10.46 -22.64 4.80
N ARG B 47 10.84 -21.40 5.12
CA ARG B 47 11.48 -20.49 4.18
C ARG B 47 10.67 -20.33 2.90
N ASP B 48 9.36 -20.11 3.05
CA ASP B 48 8.48 -19.91 1.91
C ASP B 48 7.29 -19.07 2.36
N ILE B 49 7.31 -17.77 2.04
CA ILE B 49 6.15 -16.90 2.19
C ILE B 49 6.06 -16.00 0.97
N GLY B 50 4.88 -15.43 0.77
CA GLY B 50 4.71 -14.44 -0.27
C GLY B 50 5.28 -13.10 0.13
N LEU B 51 5.45 -12.23 -0.87
CA LEU B 51 5.98 -10.90 -0.61
C LEU B 51 4.98 -10.06 0.18
N LEU B 52 3.72 -10.03 -0.26
CA LEU B 52 2.71 -9.22 0.42
C LEU B 52 2.48 -9.72 1.84
N VAL B 53 2.41 -11.04 2.02
CA VAL B 53 2.17 -11.59 3.36
C VAL B 53 3.31 -11.23 4.30
N GLY B 54 4.56 -11.30 3.81
CA GLY B 54 5.69 -10.95 4.63
C GLY B 54 5.72 -9.47 4.98
N GLY B 55 5.47 -8.61 4.00
CA GLY B 55 5.44 -7.19 4.28
C GLY B 55 4.37 -6.82 5.28
N PHE B 56 3.17 -7.39 5.11
CA PHE B 56 2.07 -7.09 6.01
C PHE B 56 2.38 -7.58 7.43
N THR B 57 2.88 -8.82 7.55
CA THR B 57 3.15 -9.34 8.88
C THR B 57 4.27 -8.56 9.56
N MET B 58 5.28 -8.12 8.80
CA MET B 58 6.38 -7.42 9.44
C MET B 58 5.97 -6.01 9.86
N THR B 59 5.26 -5.28 9.00
CA THR B 59 4.81 -3.95 9.39
C THR B 59 3.72 -3.99 10.44
N ALA B 60 3.04 -5.13 10.61
CA ALA B 60 2.17 -5.32 11.76
C ALA B 60 2.98 -5.63 13.01
N THR B 61 4.12 -6.32 12.85
CA THR B 61 4.99 -6.61 13.99
C THR B 61 5.56 -5.32 14.57
N TRP B 62 6.03 -4.42 13.71
CA TRP B 62 6.68 -3.21 14.21
C TRP B 62 5.71 -2.30 14.94
N VAL B 63 4.54 -2.06 14.34
CA VAL B 63 3.53 -1.20 14.97
C VAL B 63 2.74 -2.04 15.95
N GLY B 64 2.86 -1.74 17.24
CA GLY B 64 2.26 -2.58 18.25
C GLY B 64 1.60 -1.85 19.40
N GLY B 65 1.01 -0.70 19.15
CA GLY B 65 0.34 0.05 20.20
C GLY B 65 1.23 0.98 20.98
N GLY B 66 2.38 0.49 21.45
CA GLY B 66 3.36 1.36 22.07
C GLY B 66 3.91 2.38 21.08
N TYR B 67 4.18 1.94 19.85
CA TYR B 67 4.65 2.83 18.80
C TYR B 67 3.63 3.92 18.48
N ILE B 68 2.35 3.67 18.75
CA ILE B 68 1.32 4.68 18.55
C ILE B 68 1.20 5.60 19.75
N ASN B 69 1.12 5.01 20.95
CA ASN B 69 0.92 5.79 22.16
C ASN B 69 2.11 6.72 22.43
N GLY B 70 3.33 6.22 22.22
CA GLY B 70 4.50 7.07 22.44
C GLY B 70 4.52 8.27 21.53
N THR B 71 4.24 8.06 20.24
CA THR B 71 4.19 9.17 19.30
C THR B 71 3.09 10.16 19.67
N ALA B 72 1.90 9.66 20.00
CA ALA B 72 0.80 10.54 20.36
C ALA B 72 1.13 11.35 21.62
N GLU B 73 1.70 10.71 22.62
CA GLU B 73 2.07 11.40 23.85
C GLU B 73 3.16 12.45 23.60
N ALA B 74 4.16 12.10 22.78
CA ALA B 74 5.23 13.04 22.47
C ALA B 74 4.69 14.26 21.75
N VAL B 75 3.76 14.06 20.82
CA VAL B 75 3.14 15.20 20.13
C VAL B 75 2.30 16.01 21.11
N TYR B 76 1.62 15.33 22.04
CA TYR B 76 0.65 16.01 22.89
C TYR B 76 1.31 16.74 24.05
N VAL B 77 2.23 16.08 24.75
CA VAL B 77 2.76 16.64 26.01
C VAL B 77 3.54 17.91 25.71
N PRO B 78 3.29 19.01 26.43
CA PRO B 78 4.07 20.23 26.21
C PRO B 78 5.53 20.02 26.56
N GLY B 79 6.40 20.71 25.82
CA GLY B 79 7.82 20.57 25.99
C GLY B 79 8.47 19.52 25.11
N TYR B 80 7.68 18.65 24.49
CA TYR B 80 8.19 17.64 23.56
C TYR B 80 7.88 18.00 22.12
N GLY B 81 6.61 18.20 21.79
CA GLY B 81 6.24 18.59 20.45
C GLY B 81 6.41 17.46 19.44
N LEU B 82 6.26 17.82 18.17
CA LEU B 82 6.40 16.84 17.09
C LEU B 82 7.86 16.51 16.81
N ALA B 83 8.76 17.48 16.94
CA ALA B 83 10.16 17.26 16.63
C ALA B 83 10.80 16.21 17.52
N TRP B 84 10.25 15.98 18.72
CA TRP B 84 10.79 14.99 19.63
C TRP B 84 10.11 13.64 19.52
N ALA B 85 9.15 13.49 18.60
CA ALA B 85 8.51 12.20 18.34
C ALA B 85 9.25 11.56 17.17
N GLN B 86 10.39 10.95 17.48
CA GLN B 86 11.28 10.38 16.48
C GLN B 86 10.94 8.94 16.13
N ALA B 87 9.84 8.40 16.66
CA ALA B 87 9.45 7.04 16.34
C ALA B 87 9.21 6.81 14.85
N PRO B 88 8.42 7.65 14.13
CA PRO B 88 8.15 7.35 12.72
C PRO B 88 9.41 7.35 11.85
N ILE B 89 10.15 8.46 11.86
CA ILE B 89 11.35 8.57 11.04
C ILE B 89 12.37 7.54 11.46
N GLY B 90 12.54 7.34 12.77
CA GLY B 90 13.51 6.37 13.25
C GLY B 90 13.19 4.97 12.77
N TYR B 91 11.95 4.54 12.93
CA TYR B 91 11.56 3.19 12.49
C TYR B 91 11.71 3.05 10.99
N SER B 92 11.22 4.03 10.23
CA SER B 92 11.27 3.94 8.78
C SER B 92 12.71 3.88 8.28
N LEU B 93 13.58 4.73 8.81
CA LEU B 93 14.95 4.73 8.33
C LEU B 93 15.71 3.50 8.83
N SER B 94 15.34 2.98 10.00
CA SER B 94 15.95 1.72 10.45
C SER B 94 15.60 0.59 9.50
N LEU B 95 14.34 0.51 9.09
CA LEU B 95 13.93 -0.52 8.13
C LEU B 95 14.64 -0.34 6.80
N ILE B 96 14.74 0.91 6.33
CA ILE B 96 15.37 1.19 5.05
C ILE B 96 16.85 0.78 5.10
N LEU B 97 17.54 1.18 6.16
CA LEU B 97 18.95 0.84 6.32
C LEU B 97 19.14 -0.67 6.41
N GLY B 98 18.26 -1.35 7.16
CA GLY B 98 18.35 -2.80 7.23
C GLY B 98 18.22 -3.44 5.86
N GLY B 99 17.18 -3.04 5.11
CA GLY B 99 16.99 -3.61 3.78
C GLY B 99 18.15 -3.33 2.85
N LEU B 100 18.70 -2.12 2.91
CA LEU B 100 19.82 -1.77 2.04
C LEU B 100 21.06 -2.60 2.36
N PHE B 101 21.46 -2.63 3.64
CA PHE B 101 22.76 -3.17 4.02
C PHE B 101 22.66 -4.62 4.53
N PHE B 102 21.86 -4.85 5.56
CA PHE B 102 21.81 -6.17 6.17
C PHE B 102 20.74 -7.00 5.47
N ALA B 103 20.53 -8.20 5.98
CA ALA B 103 19.40 -9.06 5.60
C ALA B 103 19.50 -9.55 4.16
N LYS B 104 20.46 -9.04 3.40
CA LYS B 104 20.84 -9.66 2.14
C LYS B 104 21.83 -10.79 2.39
N PRO B 105 22.92 -10.56 3.15
CA PRO B 105 23.78 -11.69 3.53
C PRO B 105 23.07 -12.73 4.38
N MET B 106 22.12 -12.30 5.22
CA MET B 106 21.39 -13.25 6.06
C MET B 106 20.64 -14.26 5.21
N ARG B 107 19.96 -13.78 4.17
CA ARG B 107 19.28 -14.70 3.27
C ARG B 107 20.25 -15.41 2.34
N SER B 108 21.42 -14.79 2.07
CA SER B 108 22.41 -15.42 1.21
C SER B 108 22.90 -16.73 1.80
N LYS B 109 23.17 -16.76 3.09
CA LYS B 109 23.55 -17.99 3.77
C LYS B 109 22.32 -18.68 4.34
N GLY B 110 22.46 -19.97 4.62
CA GLY B 110 21.38 -20.72 5.22
C GLY B 110 21.40 -20.57 6.73
N TYR B 111 20.55 -19.67 7.24
CA TYR B 111 20.56 -19.30 8.64
C TYR B 111 19.15 -19.43 9.21
N VAL B 112 19.06 -19.60 10.52
CA VAL B 112 17.80 -19.84 11.21
C VAL B 112 17.42 -18.65 12.08
N THR B 113 18.33 -18.18 12.91
CA THR B 113 18.08 -17.06 13.81
C THR B 113 19.22 -16.05 13.70
N MET B 114 19.13 -14.97 14.48
CA MET B 114 20.20 -13.99 14.52
C MET B 114 21.50 -14.61 15.02
N LEU B 115 21.41 -15.48 16.04
CA LEU B 115 22.60 -15.95 16.74
C LEU B 115 23.33 -17.05 15.98
N ASP B 116 22.77 -17.57 14.88
CA ASP B 116 23.49 -18.58 14.11
C ASP B 116 24.81 -18.07 13.55
N PRO B 117 24.90 -16.90 12.90
CA PRO B 117 26.22 -16.38 12.53
C PRO B 117 27.15 -16.22 13.70
N PHE B 118 26.62 -15.77 14.84
CA PHE B 118 27.46 -15.56 16.02
C PHE B 118 27.97 -16.88 16.55
N GLN B 119 27.09 -17.87 16.71
CA GLN B 119 27.50 -19.18 17.17
C GLN B 119 28.42 -19.88 16.16
N GLN B 120 28.38 -19.48 14.90
CA GLN B 120 29.27 -20.06 13.91
C GLN B 120 30.66 -19.43 13.95
N ILE B 121 30.73 -18.11 14.08
CA ILE B 121 32.01 -17.42 14.06
C ILE B 121 32.70 -17.53 15.43
N TYR B 122 32.04 -17.05 16.48
CA TYR B 122 32.56 -17.17 17.83
C TYR B 122 32.27 -18.58 18.34
N GLY B 123 32.44 -18.78 19.65
CA GLY B 123 32.17 -20.07 20.24
C GLY B 123 30.73 -20.23 20.70
N LYS B 124 30.40 -21.46 21.10
CA LYS B 124 29.08 -21.72 21.67
C LYS B 124 28.87 -20.93 22.94
N ARG B 125 29.93 -20.69 23.73
CA ARG B 125 29.81 -19.86 24.92
C ARG B 125 29.43 -18.43 24.55
N MET B 126 30.02 -17.87 23.50
CA MET B 126 29.71 -16.52 23.09
C MET B 126 28.30 -16.45 22.55
N GLY B 127 27.89 -17.49 21.82
CA GLY B 127 26.53 -17.54 21.31
C GLY B 127 25.49 -17.61 22.41
N GLY B 128 25.80 -18.35 23.48
CA GLY B 128 24.88 -18.39 24.62
C GLY B 128 24.92 -17.12 25.44
N LEU B 129 26.04 -16.40 25.41
CA LEU B 129 26.19 -15.18 26.19
C LEU B 129 25.46 -14.00 25.54
N LEU B 130 25.52 -13.90 24.22
CA LEU B 130 24.81 -12.79 23.57
C LEU B 130 23.31 -13.00 23.53
N PHE B 131 22.83 -14.19 23.91
CA PHE B 131 21.40 -14.46 23.88
C PHE B 131 20.65 -13.73 24.97
N ILE B 132 21.31 -13.43 26.09
CA ILE B 132 20.64 -12.80 27.22
C ILE B 132 20.09 -11.42 26.88
N PRO B 133 20.87 -10.48 26.32
CA PRO B 133 20.33 -9.12 26.12
C PRO B 133 19.11 -9.07 25.20
N ALA B 134 19.15 -9.78 24.07
CA ALA B 134 18.02 -9.75 23.15
C ALA B 134 16.78 -10.37 23.78
N LEU B 135 16.95 -11.47 24.51
CA LEU B 135 15.83 -12.09 25.21
C LEU B 135 15.21 -11.11 26.20
N MET B 136 16.06 -10.46 27.00
CA MET B 136 15.57 -9.49 27.98
C MET B 136 14.82 -8.35 27.30
N GLY B 137 15.39 -7.84 26.20
CA GLY B 137 14.73 -6.75 25.48
C GLY B 137 13.37 -7.15 24.94
N GLU B 138 13.28 -8.34 24.35
CA GLU B 138 12.01 -8.78 23.79
C GLU B 138 10.96 -8.99 24.89
N MET B 139 11.35 -9.62 26.00
CA MET B 139 10.39 -9.80 27.09
C MET B 139 9.94 -8.45 27.65
N PHE B 140 10.87 -7.51 27.82
CA PHE B 140 10.52 -6.21 28.37
C PHE B 140 9.58 -5.46 27.42
N TRP B 141 9.86 -5.53 26.11
CA TRP B 141 8.99 -4.90 25.13
C TRP B 141 7.59 -5.49 25.17
N ALA B 142 7.50 -6.82 25.25
CA ALA B 142 6.19 -7.46 25.32
C ALA B 142 5.44 -7.03 26.58
N ALA B 143 6.14 -6.95 27.70
CA ALA B 143 5.50 -6.53 28.94
C ALA B 143 4.98 -5.10 28.85
N ALA B 144 5.78 -4.20 28.28
CA ALA B 144 5.34 -2.81 28.13
C ALA B 144 4.13 -2.71 27.21
N ILE B 145 4.15 -3.46 26.11
CA ILE B 145 3.03 -3.44 25.18
C ILE B 145 1.75 -3.95 25.86
N PHE B 146 1.88 -5.04 26.64
CA PHE B 146 0.73 -5.57 27.35
C PHE B 146 0.20 -4.58 28.38
N SER B 147 1.10 -3.87 29.09
CA SER B 147 0.66 -2.87 30.04
C SER B 147 -0.09 -1.74 29.35
N ALA B 148 0.41 -1.29 28.20
CA ALA B 148 -0.28 -0.25 27.44
C ALA B 148 -1.68 -0.71 27.02
N LEU B 149 -1.78 -1.96 26.56
CA LEU B 149 -3.10 -2.49 26.18
C LEU B 149 -4.03 -2.53 27.38
N GLY B 150 -3.51 -2.95 28.54
CA GLY B 150 -4.34 -2.99 29.73
C GLY B 150 -4.85 -1.62 30.12
N ALA B 151 -3.98 -0.60 30.06
CA ALA B 151 -4.41 0.75 30.37
C ALA B 151 -5.47 1.23 29.39
N THR B 152 -5.29 0.95 28.09
CA THR B 152 -6.28 1.37 27.10
C THR B 152 -7.62 0.69 27.34
N ILE B 153 -7.61 -0.61 27.64
CA ILE B 153 -8.86 -1.33 27.91
C ILE B 153 -9.54 -0.76 29.14
N SER B 154 -8.77 -0.51 30.21
CA SER B 154 -9.34 0.00 31.44
C SER B 154 -9.97 1.38 31.23
N VAL B 155 -9.34 2.21 30.39
CA VAL B 155 -9.92 3.51 30.10
C VAL B 155 -11.19 3.37 29.29
N ILE B 156 -11.15 2.57 28.23
CA ILE B 156 -12.28 2.51 27.29
C ILE B 156 -13.51 1.91 27.97
N ILE B 157 -13.33 0.78 28.65
CA ILE B 157 -14.43 0.10 29.32
C ILE B 157 -14.06 -0.12 30.78
N ASP B 158 -15.08 -0.24 31.63
CA ASP B 158 -14.88 -0.48 33.06
C ASP B 158 -14.52 -1.96 33.30
N VAL B 159 -13.38 -2.34 32.73
CA VAL B 159 -12.88 -3.72 32.81
C VAL B 159 -11.54 -3.69 33.53
N ASP B 160 -11.35 -4.63 34.44
CA ASP B 160 -10.11 -4.70 35.20
C ASP B 160 -8.92 -4.93 34.27
N MET B 161 -7.81 -4.27 34.56
CA MET B 161 -6.61 -4.41 33.73
C MET B 161 -6.10 -5.84 33.75
N HIS B 162 -6.11 -6.48 34.92
CA HIS B 162 -5.55 -7.83 35.05
C HIS B 162 -6.28 -8.81 34.15
N ILE B 163 -7.61 -8.76 34.14
CA ILE B 163 -8.39 -9.68 33.33
C ILE B 163 -8.10 -9.48 31.85
N SER B 164 -8.05 -8.23 31.41
CA SER B 164 -7.82 -7.95 29.99
C SER B 164 -6.44 -8.42 29.55
N VAL B 165 -5.41 -8.08 30.33
CA VAL B 165 -4.06 -8.48 29.94
C VAL B 165 -3.92 -10.00 29.99
N ILE B 166 -4.54 -10.65 30.97
CA ILE B 166 -4.46 -12.10 31.05
C ILE B 166 -5.12 -12.75 29.83
N ILE B 167 -6.30 -12.26 29.46
CA ILE B 167 -7.01 -12.84 28.32
C ILE B 167 -6.21 -12.63 27.03
N SER B 168 -5.70 -11.41 26.82
CA SER B 168 -4.96 -11.13 25.60
C SER B 168 -3.67 -11.96 25.53
N ALA B 169 -2.95 -12.06 26.64
CA ALA B 169 -1.73 -12.84 26.65
C ALA B 169 -2.02 -14.32 26.44
N LEU B 170 -3.09 -14.83 27.05
CA LEU B 170 -3.45 -16.22 26.84
C LEU B 170 -3.80 -16.47 25.38
N ILE B 171 -4.45 -15.51 24.74
CA ILE B 171 -4.72 -15.61 23.30
C ILE B 171 -3.40 -15.68 22.52
N ALA B 172 -2.44 -14.82 22.87
CA ALA B 172 -1.16 -14.81 22.17
C ALA B 172 -0.43 -16.14 22.32
N THR B 173 -0.40 -16.69 23.53
CA THR B 173 0.24 -17.99 23.74
C THR B 173 -0.52 -19.11 23.02
N LEU B 174 -1.85 -19.08 23.05
CA LEU B 174 -2.61 -20.08 22.31
C LEU B 174 -2.35 -20.00 20.82
N TYR B 175 -1.97 -18.82 20.32
CA TYR B 175 -1.58 -18.72 18.92
C TYR B 175 -0.20 -19.31 18.69
N THR B 176 0.81 -18.75 19.34
CA THR B 176 2.20 -19.08 19.06
C THR B 176 2.66 -20.39 19.69
N LEU B 177 1.77 -21.09 20.40
CA LEU B 177 2.06 -22.42 20.91
C LEU B 177 1.56 -23.49 19.94
N VAL B 178 0.30 -23.35 19.49
CA VAL B 178 -0.23 -24.30 18.52
C VAL B 178 0.42 -24.11 17.15
N GLY B 179 0.85 -22.88 16.83
CA GLY B 179 1.45 -22.60 15.55
C GLY B 179 2.74 -21.83 15.69
N GLY B 180 3.51 -21.80 14.61
CA GLY B 180 4.76 -21.08 14.60
C GLY B 180 4.73 -19.83 13.76
N LEU B 181 5.73 -19.68 12.88
CA LEU B 181 5.83 -18.49 12.06
C LEU B 181 4.64 -18.35 11.12
N TYR B 182 4.21 -19.44 10.52
CA TYR B 182 3.07 -19.39 9.63
C TYR B 182 1.85 -18.85 10.36
N SER B 183 1.51 -19.45 11.50
CA SER B 183 0.33 -19.02 12.25
C SER B 183 0.46 -17.57 12.69
N VAL B 184 1.63 -17.17 13.15
CA VAL B 184 1.79 -15.81 13.64
C VAL B 184 1.67 -14.81 12.50
N ALA B 185 2.18 -15.16 11.31
CA ALA B 185 2.09 -14.25 10.17
C ALA B 185 0.66 -14.18 9.65
N TYR B 186 -0.05 -15.31 9.63
CA TYR B 186 -1.44 -15.30 9.18
C TYR B 186 -2.32 -14.50 10.14
N THR B 187 -2.04 -14.54 11.43
CA THR B 187 -2.76 -13.69 12.36
C THR B 187 -2.40 -12.22 12.16
N ASP B 188 -1.11 -11.92 11.97
CA ASP B 188 -0.68 -10.54 11.82
C ASP B 188 -1.24 -9.91 10.55
N VAL B 189 -1.50 -10.71 9.52
CA VAL B 189 -2.06 -10.16 8.28
C VAL B 189 -3.44 -9.57 8.54
N VAL B 190 -4.27 -10.30 9.28
CA VAL B 190 -5.60 -9.78 9.63
C VAL B 190 -5.47 -8.62 10.61
N GLN B 191 -4.53 -8.73 11.56
CA GLN B 191 -4.39 -7.69 12.57
C GLN B 191 -3.97 -6.36 11.95
N LEU B 192 -3.15 -6.40 10.89
CA LEU B 192 -2.76 -5.17 10.20
C LEU B 192 -3.99 -4.44 9.67
N PHE B 193 -4.85 -5.15 8.95
CA PHE B 193 -6.05 -4.51 8.42
C PHE B 193 -6.94 -4.02 9.56
N CYS B 194 -7.00 -4.78 10.65
CA CYS B 194 -7.81 -4.34 11.80
C CYS B 194 -7.31 -2.99 12.33
N ILE B 195 -6.00 -2.88 12.56
CA ILE B 195 -5.47 -1.63 13.10
C ILE B 195 -5.61 -0.51 12.09
N PHE B 196 -5.47 -0.79 10.79
CA PHE B 196 -5.63 0.26 9.79
C PHE B 196 -7.06 0.79 9.78
N VAL B 197 -8.03 -0.11 9.67
CA VAL B 197 -9.44 0.31 9.61
C VAL B 197 -9.90 0.90 10.93
N GLY B 198 -9.21 0.62 12.03
CA GLY B 198 -9.54 1.26 13.28
C GLY B 198 -8.97 2.65 13.42
N LEU B 199 -7.65 2.78 13.19
CA LEU B 199 -6.99 4.05 13.41
C LEU B 199 -7.37 5.09 12.36
N TRP B 200 -7.32 4.71 11.07
CA TRP B 200 -7.53 5.72 10.03
C TRP B 200 -8.98 6.15 9.91
N ILE B 201 -9.92 5.46 10.56
CA ILE B 201 -11.32 5.84 10.48
C ILE B 201 -11.74 6.80 11.58
N SER B 202 -10.92 6.98 12.61
CA SER B 202 -11.25 7.84 13.74
C SER B 202 -10.69 9.25 13.60
N VAL B 203 -10.00 9.55 12.51
CA VAL B 203 -9.42 10.87 12.30
C VAL B 203 -10.50 11.87 11.92
N PRO B 204 -11.32 11.62 10.88
CA PRO B 204 -12.39 12.60 10.58
C PRO B 204 -13.40 12.75 11.70
N PHE B 205 -13.65 11.69 12.46
CA PHE B 205 -14.58 11.79 13.58
C PHE B 205 -14.07 12.77 14.63
N ALA B 206 -12.79 12.69 14.97
CA ALA B 206 -12.24 13.56 16.01
C ALA B 206 -12.00 14.98 15.49
N LEU B 207 -11.58 15.11 14.23
CA LEU B 207 -11.27 16.42 13.69
C LEU B 207 -12.50 17.31 13.62
N SER B 208 -13.64 16.74 13.25
CA SER B 208 -14.88 17.48 13.08
C SER B 208 -15.62 17.74 14.39
N HIS B 209 -14.96 17.55 15.53
CA HIS B 209 -15.61 17.79 16.80
C HIS B 209 -15.85 19.29 17.01
N PRO B 210 -17.02 19.68 17.49
CA PRO B 210 -17.26 21.11 17.77
C PRO B 210 -16.32 21.69 18.80
N ALA B 211 -15.90 20.89 19.78
CA ALA B 211 -15.04 21.41 20.85
C ALA B 211 -13.64 21.74 20.33
N VAL B 212 -13.12 20.93 19.42
CA VAL B 212 -11.74 21.10 18.99
C VAL B 212 -11.59 22.41 18.22
N ALA B 213 -10.39 22.98 18.29
CA ALA B 213 -10.06 24.21 17.59
C ALA B 213 -9.34 23.88 16.28
N ASP B 214 -8.84 24.91 15.60
CA ASP B 214 -8.10 24.72 14.35
C ASP B 214 -6.71 24.17 14.68
N ILE B 215 -6.44 22.93 14.29
CA ILE B 215 -5.16 22.31 14.60
C ILE B 215 -4.01 22.95 13.84
N GLY B 216 -4.30 23.67 12.75
CA GLY B 216 -3.24 24.35 12.02
C GLY B 216 -2.81 25.64 12.67
N PHE B 217 -3.70 26.28 13.43
CA PHE B 217 -3.34 27.52 14.10
C PHE B 217 -2.41 27.27 15.28
N THR B 218 -2.53 26.12 15.93
CA THR B 218 -1.73 25.81 17.11
C THR B 218 -0.35 25.26 16.77
N ALA B 219 -0.08 24.96 15.50
CA ALA B 219 1.23 24.41 15.13
C ALA B 219 2.32 25.47 15.16
N VAL B 220 1.96 26.75 15.15
CA VAL B 220 2.96 27.82 15.15
C VAL B 220 2.59 28.87 16.17
N HIS B 221 1.36 28.82 16.68
CA HIS B 221 0.89 29.69 17.76
C HIS B 221 0.52 28.85 18.97
N ALA B 222 0.16 29.54 20.06
CA ALA B 222 -0.16 28.91 21.33
C ALA B 222 -1.65 29.06 21.62
N LYS B 223 -2.27 27.97 22.05
CA LYS B 223 -3.69 27.99 22.42
C LYS B 223 -3.90 26.93 23.50
N TYR B 224 -4.19 27.40 24.72
CA TYR B 224 -4.42 26.59 25.91
C TYR B 224 -3.11 25.98 26.42
N GLN B 225 -2.03 26.12 25.66
CA GLN B 225 -0.74 25.53 26.00
C GLN B 225 0.32 25.93 24.98
N LYS B 226 1.54 25.43 25.16
CA LYS B 226 2.60 25.67 24.19
C LYS B 226 2.26 25.00 22.86
N PRO B 227 2.77 25.51 21.75
CA PRO B 227 2.46 24.92 20.45
C PRO B 227 2.91 23.46 20.39
N TRP B 228 2.12 22.65 19.67
CA TRP B 228 2.38 21.22 19.60
C TRP B 228 3.47 20.84 18.60
N LEU B 229 4.00 21.81 17.84
CA LEU B 229 5.12 21.51 16.96
C LEU B 229 6.37 21.17 17.77
N GLY B 230 6.71 22.03 18.74
CA GLY B 230 7.79 21.73 19.67
C GLY B 230 9.18 21.74 19.07
N THR B 231 9.66 22.92 18.69
CA THR B 231 11.03 23.03 18.18
C THR B 231 12.04 22.65 19.27
N VAL B 232 13.14 22.04 18.83
CA VAL B 232 14.18 21.58 19.73
C VAL B 232 15.20 22.70 19.92
N ASP B 233 15.54 22.99 21.18
CA ASP B 233 16.50 24.03 21.48
C ASP B 233 17.91 23.61 21.07
N SER B 234 18.75 24.60 20.80
CA SER B 234 20.11 24.33 20.37
C SER B 234 20.95 23.69 21.48
N SER B 235 20.56 23.85 22.74
CA SER B 235 21.32 23.27 23.85
C SER B 235 21.04 21.79 24.04
N GLU B 236 20.09 21.21 23.32
CA GLU B 236 19.75 19.80 23.44
C GLU B 236 19.83 19.07 22.10
N VAL B 237 20.62 19.57 21.16
CA VAL B 237 20.74 18.92 19.86
C VAL B 237 21.45 17.58 19.99
N TYR B 238 22.44 17.51 20.89
CA TYR B 238 23.16 16.25 21.08
C TYR B 238 22.23 15.14 21.57
N SER B 239 21.32 15.47 22.48
CA SER B 239 20.36 14.48 22.96
C SER B 239 19.44 14.03 21.84
N TRP B 240 19.00 14.95 20.98
CA TRP B 240 18.14 14.58 19.87
C TRP B 240 18.89 13.65 18.91
N LEU B 241 20.15 13.97 18.61
CA LEU B 241 20.92 13.10 17.73
C LEU B 241 21.15 11.72 18.37
N ASP B 242 21.36 11.69 19.69
CA ASP B 242 21.50 10.41 20.38
C ASP B 242 20.24 9.58 20.26
N SER B 243 19.07 10.20 20.48
CA SER B 243 17.81 9.48 20.38
C SER B 243 17.59 8.99 18.94
N PHE B 244 17.90 9.83 17.96
CA PHE B 244 17.74 9.42 16.57
C PHE B 244 18.65 8.25 16.23
N LEU B 245 19.90 8.29 16.68
CA LEU B 245 20.82 7.19 16.41
C LEU B 245 20.34 5.91 17.09
N LEU B 246 19.85 6.02 18.32
CA LEU B 246 19.32 4.84 19.01
C LEU B 246 18.15 4.23 18.26
N LEU B 247 17.17 5.05 17.89
CA LEU B 247 16.01 4.54 17.19
C LEU B 247 16.31 4.15 15.75
N MET B 248 17.46 4.56 15.21
CA MET B 248 17.84 4.23 13.84
C MET B 248 18.63 2.94 13.75
N LEU B 249 19.57 2.72 14.67
CA LEU B 249 20.45 1.56 14.60
C LEU B 249 20.21 0.56 15.72
N GLY B 250 19.19 0.75 16.55
CA GLY B 250 18.93 -0.18 17.63
C GLY B 250 17.71 -1.04 17.39
N GLY B 251 16.98 -0.76 16.32
CA GLY B 251 15.82 -1.56 15.96
C GLY B 251 16.13 -2.57 14.87
N ILE B 252 17.31 -2.45 14.29
CA ILE B 252 17.75 -3.36 13.23
C ILE B 252 18.25 -4.71 13.78
N PRO B 253 19.04 -4.78 14.88
CA PRO B 253 19.52 -6.09 15.33
C PRO B 253 18.55 -6.77 16.28
N TRP B 254 17.30 -6.91 15.86
CA TRP B 254 16.25 -7.50 16.66
C TRP B 254 15.77 -8.79 16.02
N GLN B 255 15.60 -9.83 16.84
CA GLN B 255 15.27 -11.16 16.31
C GLN B 255 13.93 -11.15 15.58
N ALA B 256 13.04 -10.22 15.91
CA ALA B 256 11.80 -10.09 15.15
C ALA B 256 12.07 -9.74 13.69
N TYR B 257 13.03 -8.85 13.45
CA TYR B 257 13.42 -8.50 12.08
C TYR B 257 14.02 -9.71 11.34
N PHE B 258 14.94 -10.42 12.00
CA PHE B 258 15.66 -11.47 11.30
C PHE B 258 14.81 -12.73 11.11
N GLN B 259 13.86 -12.99 12.01
CA GLN B 259 12.96 -14.11 11.79
C GLN B 259 12.11 -13.90 10.54
N ARG B 260 11.66 -12.66 10.31
CA ARG B 260 10.86 -12.38 9.12
C ARG B 260 11.69 -12.28 7.85
N VAL B 261 12.93 -11.79 7.93
CA VAL B 261 13.75 -11.78 6.72
C VAL B 261 14.15 -13.21 6.34
N LEU B 262 14.47 -14.03 7.33
CA LEU B 262 14.87 -15.42 7.06
C LEU B 262 13.66 -16.32 6.89
N SER B 263 12.70 -15.87 6.10
CA SER B 263 11.57 -16.71 5.72
C SER B 263 11.14 -16.55 4.27
N SER B 264 11.58 -15.51 3.56
CA SER B 264 11.21 -15.32 2.17
C SER B 264 11.96 -16.31 1.29
N SER B 265 11.36 -16.63 0.14
CA SER B 265 11.94 -17.61 -0.76
C SER B 265 13.23 -17.12 -1.40
N SER B 266 13.49 -15.82 -1.41
CA SER B 266 14.69 -15.26 -2.01
C SER B 266 15.17 -14.10 -1.14
N ALA B 267 16.16 -13.37 -1.64
CA ALA B 267 16.73 -12.23 -0.93
C ALA B 267 16.12 -10.91 -1.35
N THR B 268 15.88 -10.71 -2.64
CA THR B 268 15.22 -9.49 -3.09
C THR B 268 13.83 -9.35 -2.50
N TYR B 269 13.16 -10.48 -2.23
CA TYR B 269 11.87 -10.43 -1.56
C TYR B 269 11.96 -9.73 -0.22
N ALA B 270 12.94 -10.12 0.60
CA ALA B 270 13.14 -9.47 1.88
C ALA B 270 13.63 -8.03 1.72
N GLN B 271 14.46 -7.79 0.71
CA GLN B 271 14.96 -6.45 0.47
C GLN B 271 13.82 -5.46 0.22
N VAL B 272 12.84 -5.85 -0.60
CA VAL B 272 11.69 -4.99 -0.82
C VAL B 272 10.67 -5.10 0.32
N LEU B 273 10.69 -6.21 1.07
CA LEU B 273 9.84 -6.33 2.25
C LEU B 273 10.18 -5.25 3.28
N SER B 274 11.48 -4.97 3.43
CA SER B 274 11.88 -3.92 4.36
C SER B 274 11.29 -2.57 3.96
N PHE B 275 11.34 -2.23 2.67
CA PHE B 275 10.81 -0.95 2.22
C PHE B 275 9.29 -0.90 2.38
N LEU B 276 8.61 -2.01 2.09
CA LEU B 276 7.17 -2.07 2.30
C LEU B 276 6.84 -1.86 3.78
N ALA B 277 7.64 -2.46 4.67
CA ALA B 277 7.43 -2.28 6.10
C ALA B 277 7.64 -0.83 6.51
N ALA B 278 8.66 -0.17 5.96
CA ALA B 278 8.89 1.24 6.28
C ALA B 278 7.72 2.11 5.84
N PHE B 279 7.21 1.85 4.62
CA PHE B 279 6.06 2.62 4.14
C PHE B 279 4.84 2.39 5.02
N GLY B 280 4.60 1.12 5.41
CA GLY B 280 3.48 0.84 6.29
C GLY B 280 3.64 1.49 7.65
N CYS B 281 4.87 1.55 8.16
CA CYS B 281 5.11 2.21 9.44
C CYS B 281 4.80 3.70 9.35
N LEU B 282 5.21 4.36 8.26
CA LEU B 282 4.86 5.76 8.10
C LEU B 282 3.35 5.97 7.99
N VAL B 283 2.68 5.09 7.24
CA VAL B 283 1.23 5.20 7.07
C VAL B 283 0.54 5.02 8.41
N MET B 284 1.05 4.11 9.25
CA MET B 284 0.47 3.92 10.58
C MET B 284 0.79 5.09 11.50
N ALA B 285 1.94 5.72 11.33
CA ALA B 285 2.34 6.81 12.23
C ALA B 285 1.56 8.09 11.95
N ILE B 286 1.13 8.30 10.71
CA ILE B 286 0.40 9.54 10.38
C ILE B 286 -0.84 9.74 11.24
N PRO B 287 -1.76 8.77 11.36
CA PRO B 287 -2.94 9.01 12.21
C PRO B 287 -2.61 9.22 13.67
N ALA B 288 -1.57 8.58 14.19
CA ALA B 288 -1.17 8.83 15.58
C ALA B 288 -0.76 10.27 15.78
N ILE B 289 0.03 10.82 14.85
CA ILE B 289 0.42 12.22 14.93
C ILE B 289 -0.79 13.12 14.83
N LEU B 290 -1.73 12.79 13.93
CA LEU B 290 -2.93 13.60 13.80
C LEU B 290 -3.76 13.58 15.08
N ILE B 291 -3.89 12.42 15.72
CA ILE B 291 -4.68 12.33 16.94
C ILE B 291 -3.99 13.07 18.09
N GLY B 292 -2.66 12.97 18.16
CA GLY B 292 -1.94 13.75 19.15
C GLY B 292 -2.14 15.24 18.96
N ALA B 293 -2.10 15.69 17.70
CA ALA B 293 -2.35 17.11 17.42
C ALA B 293 -3.76 17.51 17.81
N ILE B 294 -4.74 16.65 17.52
CA ILE B 294 -6.12 16.96 17.87
C ILE B 294 -6.27 17.09 19.38
N GLY B 295 -5.67 16.15 20.12
CA GLY B 295 -5.73 16.23 21.57
C GLY B 295 -5.00 17.44 22.13
N ALA B 296 -3.91 17.86 21.47
CA ALA B 296 -3.16 19.01 21.94
C ALA B 296 -3.91 20.31 21.66
N SER B 297 -4.61 20.38 20.53
CA SER B 297 -5.28 21.60 20.09
C SER B 297 -6.78 21.58 20.39
N THR B 298 -7.19 20.90 21.45
CA THR B 298 -8.58 20.90 21.88
C THR B 298 -8.66 21.36 23.33
N ASP B 299 -9.80 21.92 23.70
CA ASP B 299 -10.02 22.43 25.04
C ASP B 299 -11.03 21.55 25.77
N TRP B 300 -10.66 21.10 26.96
CA TRP B 300 -11.59 20.41 27.83
C TRP B 300 -12.46 21.48 28.51
N ASN B 301 -13.22 21.09 29.53
CA ASN B 301 -14.21 21.93 30.19
C ASN B 301 -15.40 22.20 29.26
N GLN B 302 -15.34 21.74 28.00
CA GLN B 302 -16.47 21.71 27.10
C GLN B 302 -16.86 20.29 26.72
N THR B 303 -16.04 19.31 27.02
CA THR B 303 -16.29 17.90 26.71
C THR B 303 -16.73 17.19 27.98
N ALA B 304 -17.03 15.90 27.85
CA ALA B 304 -17.49 15.11 29.00
C ALA B 304 -16.41 14.89 30.05
N TYR B 305 -15.14 15.14 29.72
CA TYR B 305 -14.07 14.97 30.70
C TYR B 305 -14.23 15.93 31.88
N GLY B 306 -14.15 17.23 31.63
CA GLY B 306 -14.28 18.20 32.69
C GLY B 306 -13.16 19.23 32.73
N LEU B 307 -12.93 19.79 33.90
CA LEU B 307 -11.96 20.87 34.07
C LEU B 307 -10.51 20.40 34.03
N PRO B 308 -10.10 19.41 34.83
CA PRO B 308 -8.68 19.03 34.84
C PRO B 308 -8.28 18.34 33.55
N ASP B 309 -7.25 18.87 32.89
CA ASP B 309 -6.75 18.30 31.66
C ASP B 309 -5.94 17.03 31.94
N PRO B 310 -5.77 16.17 30.94
CA PRO B 310 -4.95 14.98 31.14
C PRO B 310 -3.51 15.28 31.56
N LYS B 311 -2.95 16.41 31.12
CA LYS B 311 -1.58 16.74 31.49
C LYS B 311 -1.44 16.92 33.01
N THR B 312 -2.39 17.63 33.63
CA THR B 312 -2.31 17.86 35.06
C THR B 312 -2.53 16.57 35.84
N THR B 313 -3.46 15.73 35.39
CA THR B 313 -3.72 14.47 36.08
C THR B 313 -2.64 13.43 35.84
N GLU B 314 -1.68 13.71 34.95
CA GLU B 314 -0.54 12.83 34.69
C GLU B 314 -1.00 11.47 34.15
N GLU B 315 -1.83 11.52 33.11
CA GLU B 315 -2.22 10.31 32.38
C GLU B 315 -2.05 10.49 30.88
N ALA B 316 -1.11 11.34 30.48
CA ALA B 316 -0.88 11.65 29.08
C ALA B 316 -0.27 10.48 28.30
N ASP B 317 0.17 9.43 28.98
CA ASP B 317 0.72 8.27 28.28
C ASP B 317 -0.34 7.55 27.44
N MET B 318 -1.61 7.82 27.74
CA MET B 318 -2.72 7.20 27.00
C MET B 318 -3.59 8.30 26.41
N ILE B 319 -2.96 9.29 25.80
CA ILE B 319 -3.67 10.39 25.14
C ILE B 319 -4.47 9.92 23.94
N LEU B 320 -4.06 8.81 23.30
CA LEU B 320 -4.78 8.33 22.13
C LEU B 320 -6.16 7.77 22.49
N PRO B 321 -6.28 6.77 23.41
CA PRO B 321 -7.61 6.26 23.74
C PRO B 321 -8.42 7.19 24.62
N ILE B 322 -7.93 8.41 24.84
CA ILE B 322 -8.75 9.43 25.49
C ILE B 322 -9.46 10.31 24.46
N VAL B 323 -8.77 10.67 23.38
CA VAL B 323 -9.43 11.30 22.24
C VAL B 323 -10.39 10.31 21.61
N LEU B 324 -9.94 9.07 21.42
CA LEU B 324 -10.77 8.03 20.82
C LEU B 324 -12.05 7.78 21.61
N GLN B 325 -12.07 8.14 22.89
CA GLN B 325 -13.25 7.93 23.73
C GLN B 325 -14.11 9.18 23.84
N TYR B 326 -13.53 10.30 24.25
CA TYR B 326 -14.31 11.49 24.54
C TYR B 326 -14.52 12.41 23.35
N LEU B 327 -13.88 12.14 22.21
CA LEU B 327 -14.05 12.96 21.01
C LEU B 327 -14.61 12.17 19.84
N CYS B 328 -15.07 10.94 20.08
CA CYS B 328 -15.63 10.10 19.04
C CYS B 328 -16.81 9.34 19.63
N PRO B 329 -17.75 8.91 18.79
CA PRO B 329 -18.88 8.12 19.30
C PRO B 329 -18.42 6.76 19.82
N VAL B 330 -19.36 6.04 20.42
CA VAL B 330 -19.04 4.76 21.04
C VAL B 330 -18.62 3.74 19.98
N TYR B 331 -19.34 3.70 18.85
CA TYR B 331 -19.03 2.70 17.84
C TYR B 331 -17.74 3.00 17.08
N ILE B 332 -17.15 4.17 17.26
CA ILE B 332 -15.84 4.47 16.72
C ILE B 332 -14.80 4.19 17.79
N SER B 333 -15.16 4.44 19.04
CA SER B 333 -14.27 4.13 20.16
C SER B 333 -13.98 2.64 20.22
N PHE B 334 -15.00 1.81 20.00
CA PHE B 334 -14.79 0.37 20.02
C PHE B 334 -13.89 -0.08 18.87
N PHE B 335 -14.07 0.52 17.68
CA PHE B 335 -13.20 0.18 16.56
C PHE B 335 -11.75 0.56 16.86
N GLY B 336 -11.53 1.73 17.45
CA GLY B 336 -10.17 2.13 17.79
C GLY B 336 -9.56 1.26 18.87
N LEU B 337 -10.37 0.86 19.85
CA LEU B 337 -9.90 -0.05 20.87
C LEU B 337 -9.49 -1.40 20.27
N GLY B 338 -10.31 -1.90 19.35
CA GLY B 338 -9.94 -3.13 18.65
C GLY B 338 -8.66 -2.98 17.86
N ALA B 339 -8.46 -1.81 17.23
CA ALA B 339 -7.24 -1.57 16.49
C ALA B 339 -6.02 -1.59 17.42
N VAL B 340 -6.11 -0.90 18.55
CA VAL B 340 -5.00 -0.87 19.50
C VAL B 340 -4.72 -2.28 20.03
N SER B 341 -5.77 -3.02 20.35
CA SER B 341 -5.59 -4.39 20.85
C SER B 341 -4.96 -5.28 19.80
N ALA B 342 -5.36 -5.13 18.54
CA ALA B 342 -4.78 -5.94 17.47
C ALA B 342 -3.30 -5.63 17.29
N ALA B 343 -2.93 -4.35 17.30
CA ALA B 343 -1.52 -4.00 17.19
C ALA B 343 -0.72 -4.56 18.37
N VAL B 344 -1.28 -4.44 19.58
CA VAL B 344 -0.61 -4.95 20.76
C VAL B 344 -0.40 -6.45 20.65
N MET B 345 -1.44 -7.18 20.23
CA MET B 345 -1.33 -8.62 20.08
C MET B 345 -0.28 -8.99 19.04
N SER B 346 -0.27 -8.28 17.92
CA SER B 346 0.71 -8.57 16.88
C SER B 346 2.14 -8.43 17.41
N SER B 347 2.44 -7.27 18.01
CA SER B 347 3.79 -7.06 18.51
C SER B 347 4.14 -8.06 19.60
N ALA B 348 3.20 -8.35 20.51
CA ALA B 348 3.49 -9.24 21.62
C ALA B 348 3.76 -10.66 21.14
N ASP B 349 2.91 -11.18 20.25
CA ASP B 349 3.11 -12.54 19.78
C ASP B 349 4.38 -12.65 18.94
N SER B 350 4.66 -11.63 18.12
CA SER B 350 5.90 -11.66 17.34
C SER B 350 7.12 -11.68 18.25
N SER B 351 7.12 -10.83 19.29
CA SER B 351 8.25 -10.79 20.21
C SER B 351 8.42 -12.10 20.96
N ILE B 352 7.31 -12.67 21.44
CA ILE B 352 7.41 -13.89 22.23
C ILE B 352 7.86 -15.06 21.35
N LEU B 353 7.39 -15.11 20.10
CA LEU B 353 7.84 -16.16 19.20
C LEU B 353 9.32 -15.99 18.85
N SER B 354 9.77 -14.75 18.67
CA SER B 354 11.19 -14.54 18.39
C SER B 354 12.06 -14.97 19.56
N ALA B 355 11.65 -14.64 20.78
CA ALA B 355 12.43 -15.03 21.95
C ALA B 355 12.47 -16.56 22.10
N SER B 356 11.32 -17.21 21.92
CA SER B 356 11.28 -18.66 22.01
C SER B 356 12.13 -19.31 20.91
N SER B 357 12.06 -18.77 19.69
CA SER B 357 12.86 -19.30 18.59
C SER B 357 14.34 -19.16 18.86
N MET B 358 14.75 -18.02 19.43
CA MET B 358 16.14 -17.85 19.81
C MET B 358 16.55 -18.90 20.84
N PHE B 359 15.79 -18.99 21.94
CA PHE B 359 16.25 -19.81 23.05
C PHE B 359 16.21 -21.30 22.68
N ALA B 360 15.01 -21.80 22.39
CA ALA B 360 14.79 -23.24 22.28
C ALA B 360 15.60 -23.88 21.16
N ARG B 361 16.32 -23.10 20.37
CA ARG B 361 17.28 -23.65 19.43
C ARG B 361 18.71 -23.34 19.86
N ASN B 362 19.07 -22.06 19.98
CA ASN B 362 20.48 -21.69 20.12
C ASN B 362 21.01 -21.89 21.54
N ILE B 363 20.16 -22.22 22.50
CA ILE B 363 20.61 -22.59 23.83
C ILE B 363 20.46 -24.09 24.07
N TYR B 364 19.42 -24.67 23.49
CA TYR B 364 19.12 -26.08 23.73
C TYR B 364 19.76 -27.12 22.82
N GLN B 365 19.74 -26.91 21.51
CA GLN B 365 20.21 -27.96 20.61
C GLN B 365 21.60 -27.70 20.03
N LEU B 366 22.16 -26.52 20.24
CA LEU B 366 23.52 -26.23 19.83
C LEU B 366 24.44 -25.95 21.01
N SER B 367 23.94 -25.98 22.23
CA SER B 367 24.77 -25.72 23.40
C SER B 367 24.68 -26.79 24.46
N PHE B 368 23.50 -27.37 24.69
CA PHE B 368 23.31 -28.30 25.79
C PHE B 368 23.11 -29.74 25.34
N ARG B 369 22.14 -29.99 24.45
CA ARG B 369 21.85 -31.33 23.95
C ARG B 369 22.07 -31.32 22.44
N GLN B 370 23.32 -31.59 22.03
CA GLN B 370 23.63 -31.68 20.62
C GLN B 370 22.94 -32.87 19.96
N ASN B 371 22.57 -33.88 20.73
CA ASN B 371 21.88 -35.06 20.22
C ASN B 371 20.51 -35.12 20.89
N ALA B 372 19.46 -34.81 20.13
CA ALA B 372 18.10 -34.82 20.66
C ALA B 372 17.13 -35.06 19.52
N SER B 373 16.03 -35.74 19.85
CA SER B 373 15.01 -36.04 18.84
C SER B 373 14.22 -34.79 18.49
N ASP B 374 13.61 -34.82 17.30
CA ASP B 374 12.83 -33.67 16.85
C ASP B 374 11.60 -33.45 17.74
N LYS B 375 11.00 -34.54 18.22
CA LYS B 375 9.86 -34.41 19.11
C LYS B 375 10.23 -33.71 20.41
N GLU B 376 11.40 -34.04 20.96
CA GLU B 376 11.86 -33.37 22.17
C GLU B 376 12.02 -31.87 21.94
N ILE B 377 12.62 -31.50 20.81
CA ILE B 377 12.85 -30.08 20.54
C ILE B 377 11.54 -29.36 20.29
N VAL B 378 10.58 -30.00 19.61
CA VAL B 378 9.30 -29.33 19.38
C VAL B 378 8.51 -29.19 20.68
N TRP B 379 8.62 -30.16 21.59
CA TRP B 379 7.97 -30.02 22.89
C TRP B 379 8.62 -28.93 23.70
N VAL B 380 9.96 -28.80 23.61
CA VAL B 380 10.65 -27.68 24.24
C VAL B 380 10.17 -26.37 23.65
N MET B 381 9.99 -26.33 22.33
CA MET B 381 9.43 -25.17 21.65
C MET B 381 8.09 -24.76 22.25
N ARG B 382 7.18 -25.73 22.36
CA ARG B 382 5.81 -25.44 22.78
C ARG B 382 5.74 -25.08 24.25
N ILE B 383 6.57 -25.69 25.09
CA ILE B 383 6.56 -25.31 26.50
C ILE B 383 7.28 -23.98 26.72
N THR B 384 8.27 -23.67 25.88
CA THR B 384 9.03 -22.44 26.03
C THR B 384 8.19 -21.23 25.65
N VAL B 385 7.40 -21.35 24.57
CA VAL B 385 6.51 -20.26 24.22
C VAL B 385 5.59 -19.92 25.40
N PHE B 386 4.99 -20.94 26.00
CA PHE B 386 4.07 -20.71 27.10
C PHE B 386 4.78 -20.11 28.31
N VAL B 387 5.96 -20.65 28.68
CA VAL B 387 6.61 -20.18 29.90
C VAL B 387 7.11 -18.75 29.73
N PHE B 388 7.63 -18.41 28.54
CA PHE B 388 8.09 -17.05 28.32
C PHE B 388 6.93 -16.07 28.24
N GLY B 389 5.81 -16.48 27.64
CA GLY B 389 4.64 -15.63 27.65
C GLY B 389 4.12 -15.39 29.06
N ALA B 390 4.12 -16.43 29.89
CA ALA B 390 3.70 -16.27 31.27
C ALA B 390 4.64 -15.35 32.05
N SER B 391 5.95 -15.48 31.80
CA SER B 391 6.90 -14.59 32.46
C SER B 391 6.69 -13.14 32.05
N ALA B 392 6.47 -12.90 30.76
CA ALA B 392 6.21 -11.54 30.30
C ALA B 392 4.91 -11.00 30.91
N THR B 393 3.88 -11.84 31.00
CA THR B 393 2.63 -11.41 31.61
C THR B 393 2.81 -11.06 33.08
N ALA B 394 3.55 -11.89 33.83
CA ALA B 394 3.79 -11.60 35.23
C ALA B 394 4.56 -10.30 35.39
N MET B 395 5.58 -10.08 34.55
CA MET B 395 6.33 -8.84 34.62
C MET B 395 5.45 -7.64 34.30
N ALA B 396 4.57 -7.77 33.31
CA ALA B 396 3.71 -6.66 32.92
C ALA B 396 2.65 -6.35 33.99
N LEU B 397 2.17 -7.38 34.68
CA LEU B 397 1.04 -7.19 35.59
C LEU B 397 1.48 -6.86 37.01
N LEU B 398 2.50 -7.53 37.53
CA LEU B 398 2.87 -7.41 38.93
C LEU B 398 3.95 -6.36 39.18
N THR B 399 4.35 -5.61 38.16
CA THR B 399 5.40 -4.61 38.29
C THR B 399 4.94 -3.31 37.64
N LYS B 400 5.46 -2.19 38.15
CA LYS B 400 5.11 -0.87 37.66
C LYS B 400 6.27 -0.13 37.01
N THR B 401 7.48 -0.67 37.05
CA THR B 401 8.65 -0.05 36.43
C THR B 401 8.99 -0.67 35.08
N VAL B 402 7.97 -1.09 34.34
CA VAL B 402 8.20 -1.82 33.10
C VAL B 402 8.76 -0.91 32.01
N TYR B 403 8.28 0.33 31.94
CA TYR B 403 8.62 1.20 30.82
C TYR B 403 10.11 1.57 30.82
N GLY B 404 10.61 2.05 31.97
CA GLY B 404 12.02 2.42 32.03
C GLY B 404 12.94 1.22 31.85
N LEU B 405 12.56 0.08 32.42
CA LEU B 405 13.34 -1.14 32.22
C LEU B 405 13.35 -1.53 30.74
N TRP B 406 12.23 -1.35 30.06
CA TRP B 406 12.16 -1.65 28.63
C TRP B 406 13.07 -0.72 27.83
N TYR B 407 13.08 0.57 28.17
CA TYR B 407 13.97 1.51 27.51
C TYR B 407 15.42 1.10 27.72
N LEU B 408 15.79 0.77 28.96
CA LEU B 408 17.16 0.36 29.23
C LEU B 408 17.51 -0.93 28.51
N SER B 409 16.57 -1.87 28.43
CA SER B 409 16.83 -3.13 27.74
C SER B 409 17.03 -2.92 26.24
N SER B 410 16.23 -2.04 25.63
CA SER B 410 16.45 -1.72 24.22
C SER B 410 17.80 -1.05 24.02
N ASP B 411 18.18 -0.20 24.96
CA ASP B 411 19.48 0.44 24.89
C ASP B 411 20.55 -0.61 24.89
N LEU B 412 20.50 -1.50 25.86
CA LEU B 412 21.50 -2.54 26.00
C LEU B 412 21.55 -3.42 24.75
N VAL B 413 20.39 -3.79 24.21
CA VAL B 413 20.34 -4.60 23.00
C VAL B 413 21.07 -3.90 21.88
N TYR B 414 20.76 -2.62 21.67
CA TYR B 414 21.45 -1.85 20.64
C TYR B 414 22.96 -1.87 20.87
N ILE B 415 23.39 -1.36 22.03
CA ILE B 415 24.81 -1.13 22.30
C ILE B 415 25.59 -2.43 22.18
N VAL B 416 25.02 -3.55 22.64
CA VAL B 416 25.75 -4.81 22.61
C VAL B 416 25.69 -5.45 21.22
N ILE B 417 24.48 -5.73 20.74
CA ILE B 417 24.34 -6.55 19.54
C ILE B 417 24.85 -5.81 18.31
N PHE B 418 24.43 -4.55 18.12
CA PHE B 418 24.64 -3.91 16.83
C PHE B 418 26.11 -3.83 16.42
N PRO B 419 27.04 -3.36 17.26
CA PRO B 419 28.45 -3.40 16.84
C PRO B 419 28.95 -4.81 16.57
N GLN B 420 28.54 -5.78 17.39
CA GLN B 420 28.97 -7.15 17.16
C GLN B 420 28.37 -7.71 15.88
N LEU B 421 27.11 -7.40 15.60
CA LEU B 421 26.51 -7.83 14.34
C LEU B 421 27.23 -7.20 13.16
N LEU B 422 27.55 -5.91 13.25
CA LEU B 422 28.31 -5.25 12.20
C LEU B 422 29.64 -5.92 11.97
N CYS B 423 30.36 -6.24 13.05
CA CYS B 423 31.68 -6.87 12.91
C CYS B 423 31.57 -8.26 12.29
N VAL B 424 30.61 -9.06 12.75
CA VAL B 424 30.52 -10.43 12.24
C VAL B 424 30.02 -10.44 10.80
N LEU B 425 29.19 -9.47 10.41
CA LEU B 425 28.60 -9.51 9.08
C LEU B 425 29.42 -8.81 8.02
N PHE B 426 30.19 -7.78 8.38
CA PHE B 426 30.88 -6.97 7.37
C PHE B 426 32.38 -7.15 7.39
N VAL B 427 33.04 -6.93 8.53
CA VAL B 427 34.48 -6.95 8.57
C VAL B 427 34.97 -8.39 8.70
N LYS B 428 36.20 -8.62 8.25
CA LYS B 428 36.84 -9.92 8.40
C LYS B 428 37.50 -9.99 9.77
N GLY B 429 38.24 -11.07 10.03
CA GLY B 429 38.87 -11.24 11.32
C GLY B 429 37.84 -11.38 12.43
N THR B 430 37.70 -10.33 13.24
CA THR B 430 36.73 -10.23 14.34
C THR B 430 36.55 -11.56 15.07
N ASN B 431 37.67 -12.07 15.59
CA ASN B 431 37.65 -13.27 16.39
C ASN B 431 37.06 -12.97 17.78
N THR B 432 36.73 -14.05 18.50
CA THR B 432 36.07 -13.91 19.79
C THR B 432 36.94 -13.23 20.83
N TYR B 433 38.27 -13.26 20.66
CA TYR B 433 39.16 -12.65 21.64
C TYR B 433 38.87 -11.17 21.79
N GLY B 434 38.66 -10.47 20.67
CA GLY B 434 38.23 -9.09 20.74
C GLY B 434 36.75 -8.92 21.04
N ALA B 435 35.94 -9.92 20.72
CA ALA B 435 34.51 -9.84 20.99
C ALA B 435 34.23 -9.76 22.48
N VAL B 436 34.95 -10.56 23.27
CA VAL B 436 34.75 -10.54 24.73
C VAL B 436 35.08 -9.16 25.27
N ALA B 437 36.22 -8.60 24.87
CA ALA B 437 36.62 -7.29 25.36
C ALA B 437 35.65 -6.22 24.93
N GLY B 438 35.19 -6.26 23.68
CA GLY B 438 34.24 -5.27 23.20
C GLY B 438 32.92 -5.33 23.96
N TYR B 439 32.40 -6.54 24.16
CA TYR B 439 31.14 -6.69 24.88
C TYR B 439 31.28 -6.19 26.31
N VAL B 440 32.36 -6.57 27.00
CA VAL B 440 32.54 -6.14 28.38
C VAL B 440 32.65 -4.62 28.45
N SER B 441 33.45 -4.04 27.56
CA SER B 441 33.64 -2.59 27.58
C SER B 441 32.32 -1.86 27.32
N GLY B 442 31.57 -2.30 26.32
CA GLY B 442 30.30 -1.65 26.02
C GLY B 442 29.31 -1.77 27.16
N LEU B 443 29.19 -2.98 27.72
CA LEU B 443 28.23 -3.20 28.81
C LEU B 443 28.57 -2.31 30.01
N PHE B 444 29.84 -2.33 30.44
CA PHE B 444 30.21 -1.57 31.62
C PHE B 444 30.15 -0.08 31.36
N LEU B 445 30.51 0.36 30.16
CA LEU B 445 30.41 1.78 29.84
C LEU B 445 28.97 2.25 29.84
N ARG B 446 28.05 1.41 29.34
CA ARG B 446 26.64 1.81 29.33
C ARG B 446 26.07 1.86 30.73
N ILE B 447 26.30 0.81 31.54
CA ILE B 447 25.75 0.84 32.90
C ILE B 447 26.40 1.94 33.73
N THR B 448 27.65 2.32 33.41
CA THR B 448 28.27 3.46 34.06
C THR B 448 27.93 4.77 33.38
N GLY B 449 27.24 4.74 32.24
CA GLY B 449 26.84 5.97 31.57
C GLY B 449 25.76 6.74 32.29
N GLY B 450 25.00 6.07 33.16
CA GLY B 450 23.98 6.77 33.95
C GLY B 450 22.58 6.30 33.60
N GLU B 451 21.80 6.02 34.64
CA GLU B 451 20.41 5.62 34.50
C GLU B 451 19.51 6.71 35.08
N PRO B 452 18.85 7.52 34.24
CA PRO B 452 18.11 8.66 34.78
C PRO B 452 16.63 8.40 35.02
N TYR B 453 16.11 7.25 34.56
CA TYR B 453 14.67 7.02 34.67
C TYR B 453 14.32 6.48 36.05
N LEU B 454 14.88 5.33 36.43
CA LEU B 454 14.62 4.72 37.73
C LEU B 454 15.43 5.36 38.85
N TYR B 455 16.09 6.49 38.58
CA TYR B 455 16.88 7.24 39.55
C TYR B 455 17.82 6.33 40.33
N LEU B 456 18.29 5.26 39.69
CA LEU B 456 19.07 4.26 40.42
C LEU B 456 20.46 4.78 40.76
N GLN B 457 21.29 5.04 39.75
CA GLN B 457 22.66 5.49 39.96
C GLN B 457 23.19 6.27 38.76
N PRO B 458 23.71 7.48 38.96
CA PRO B 458 24.37 8.18 37.86
C PRO B 458 25.82 7.76 37.67
N LEU B 459 26.47 7.35 38.75
CA LEU B 459 27.88 6.94 38.74
C LEU B 459 28.68 7.96 37.94
N ILE B 460 29.35 7.50 36.88
CA ILE B 460 30.21 8.38 36.10
C ILE B 460 29.49 9.62 35.59
N PHE B 461 30.05 10.79 35.87
CA PHE B 461 29.49 12.06 35.41
C PHE B 461 30.02 12.40 34.04
N TYR B 462 29.13 12.89 33.18
CA TYR B 462 29.46 13.37 31.86
C TYR B 462 29.11 14.85 31.75
N PRO B 463 29.75 15.60 30.84
CA PRO B 463 29.48 17.04 30.77
C PRO B 463 28.02 17.34 30.51
N GLY B 464 27.51 18.34 31.24
CA GLY B 464 26.12 18.74 31.17
C GLY B 464 25.49 18.80 32.54
N TYR B 465 25.81 17.80 33.37
CA TYR B 465 25.46 17.78 34.80
C TYR B 465 24.02 18.21 35.06
N TYR B 466 23.10 17.63 34.29
CA TYR B 466 21.70 18.03 34.40
C TYR B 466 21.08 17.48 35.67
N PRO B 467 20.57 18.33 36.60
CA PRO B 467 19.90 17.83 37.81
C PRO B 467 18.40 17.62 37.60
N ASP B 468 17.91 16.43 37.94
CA ASP B 468 16.49 16.13 37.83
C ASP B 468 15.78 16.55 39.12
N ASP B 469 14.53 16.10 39.29
CA ASP B 469 13.78 16.43 40.50
C ASP B 469 14.48 15.90 41.74
N ASN B 470 14.99 14.67 41.67
CA ASN B 470 15.73 14.09 42.79
C ASN B 470 17.16 14.60 42.89
N GLY B 471 17.61 15.40 41.92
CA GLY B 471 18.96 15.91 41.92
C GLY B 471 19.98 15.01 41.29
N ILE B 472 19.58 13.84 40.78
CA ILE B 472 20.51 12.93 40.13
C ILE B 472 21.03 13.57 38.85
N TYR B 473 22.34 13.54 38.66
CA TYR B 473 22.96 14.19 37.51
C TYR B 473 22.63 13.43 36.24
N ASN B 474 21.97 14.12 35.29
CA ASN B 474 21.69 13.55 33.99
C ASN B 474 22.76 13.94 32.99
N GLN B 475 22.84 13.19 31.90
CA GLN B 475 23.92 13.33 30.93
C GLN B 475 23.43 14.01 29.65
N LYS B 476 24.37 14.60 28.93
CA LYS B 476 24.11 15.28 27.67
C LYS B 476 24.94 14.74 26.51
N PHE B 477 26.19 14.40 26.79
CA PHE B 477 27.07 13.81 25.76
C PHE B 477 26.35 12.62 25.11
N PRO B 478 26.60 12.25 23.84
CA PRO B 478 25.98 11.07 23.25
C PRO B 478 26.68 9.79 23.66
N PHE B 479 26.69 9.54 24.97
CA PHE B 479 27.34 8.34 25.49
C PHE B 479 26.62 7.08 25.04
N LYS B 480 25.32 7.18 24.74
CA LYS B 480 24.59 6.00 24.27
C LYS B 480 25.10 5.52 22.92
N THR B 481 25.64 6.43 22.10
CA THR B 481 26.28 6.05 20.85
C THR B 481 27.80 6.09 20.93
N LEU B 482 28.36 6.81 21.90
CA LEU B 482 29.80 6.76 22.09
C LEU B 482 30.11 5.34 22.50
N ALA B 483 29.27 4.78 23.34
CA ALA B 483 29.50 3.41 23.80
C ALA B 483 29.52 2.42 22.63
N MET B 484 28.59 2.56 21.68
CA MET B 484 28.57 1.65 20.54
C MET B 484 29.82 1.84 19.69
N VAL B 485 30.24 3.08 19.48
CA VAL B 485 31.43 3.31 18.66
C VAL B 485 32.67 2.80 19.40
N THR B 486 32.71 2.97 20.72
CA THR B 486 33.82 2.45 21.51
C THR B 486 33.88 0.93 21.41
N SER B 487 32.72 0.27 21.50
CA SER B 487 32.68 -1.18 21.36
C SER B 487 33.19 -1.61 19.99
N PHE B 488 32.75 -0.93 18.93
CA PHE B 488 33.18 -1.29 17.59
C PHE B 488 34.69 -1.18 17.43
N LEU B 489 35.24 -0.01 17.79
CA LEU B 489 36.69 0.18 17.62
C LEU B 489 37.49 -0.77 18.52
N THR B 490 37.07 -0.96 19.76
CA THR B 490 37.86 -1.83 20.63
C THR B 490 37.77 -3.28 20.16
N ASN B 491 36.62 -3.72 19.65
CA ASN B 491 36.53 -5.07 19.10
C ASN B 491 37.48 -5.23 17.93
N ILE B 492 37.45 -4.29 16.99
CA ILE B 492 38.32 -4.38 15.82
C ILE B 492 39.79 -4.40 16.25
N CYS B 493 40.18 -3.44 17.10
CA CYS B 493 41.57 -3.29 17.48
C CYS B 493 42.08 -4.50 18.25
N ILE B 494 41.29 -4.99 19.22
CA ILE B 494 41.74 -6.10 20.03
C ILE B 494 41.78 -7.40 19.22
N SER B 495 40.79 -7.61 18.35
CA SER B 495 40.83 -8.81 17.50
C SER B 495 42.04 -8.80 16.59
N TYR B 496 42.33 -7.65 15.97
CA TYR B 496 43.48 -7.58 15.08
C TYR B 496 44.80 -7.71 15.85
N LEU B 497 44.85 -7.15 17.07
CA LEU B 497 46.04 -7.28 17.89
C LEU B 497 46.28 -8.74 18.26
N ALA B 498 45.22 -9.46 18.64
CA ALA B 498 45.37 -10.88 18.96
C ALA B 498 45.79 -11.68 17.73
N LYS B 499 45.20 -11.38 16.58
CA LYS B 499 45.59 -12.09 15.36
C LYS B 499 47.04 -11.84 15.01
N TYR B 500 47.49 -10.59 15.11
CA TYR B 500 48.88 -10.27 14.80
C TYR B 500 49.84 -10.92 15.78
N LEU B 501 49.50 -10.90 17.08
CA LEU B 501 50.37 -11.52 18.08
C LEU B 501 50.45 -13.02 17.88
N PHE B 502 49.33 -13.66 17.54
CA PHE B 502 49.36 -15.08 17.22
C PHE B 502 50.20 -15.35 15.98
N GLU B 503 50.08 -14.50 14.97
CA GLU B 503 50.82 -14.71 13.72
C GLU B 503 52.32 -14.59 13.93
N SER B 504 52.75 -13.60 14.70
CA SER B 504 54.18 -13.40 14.93
C SER B 504 54.78 -14.41 15.90
N GLY B 505 53.95 -15.08 16.69
CA GLY B 505 54.45 -16.01 17.68
C GLY B 505 55.03 -15.38 18.92
N THR B 506 54.86 -14.07 19.10
CA THR B 506 55.41 -13.41 20.28
C THR B 506 54.80 -13.95 21.56
N LEU B 507 53.49 -14.13 21.58
CA LEU B 507 52.87 -14.75 22.75
C LEU B 507 52.74 -16.25 22.52
N PRO B 508 53.17 -17.08 23.47
CA PRO B 508 53.16 -18.54 23.26
C PRO B 508 51.76 -19.05 23.01
N PRO B 509 51.59 -20.00 22.07
CA PRO B 509 50.26 -20.53 21.79
C PRO B 509 49.70 -21.45 22.86
N LYS B 510 50.43 -21.65 23.96
CA LYS B 510 49.95 -22.52 25.02
C LYS B 510 48.67 -21.98 25.65
N LEU B 511 48.60 -20.67 25.85
CA LEU B 511 47.46 -20.04 26.52
C LEU B 511 46.39 -19.59 25.53
N ASP B 512 46.33 -20.19 24.34
CA ASP B 512 45.29 -19.88 23.37
C ASP B 512 44.00 -20.54 23.80
N VAL B 513 43.20 -19.81 24.57
CA VAL B 513 41.98 -20.37 25.15
C VAL B 513 40.98 -20.70 24.05
N PHE B 514 40.76 -19.77 23.14
CA PHE B 514 39.77 -19.93 22.08
C PHE B 514 40.47 -20.31 20.78
N ASP B 515 39.71 -20.36 19.69
CA ASP B 515 40.21 -20.78 18.38
C ASP B 515 40.50 -19.54 17.54
N ALA B 516 41.76 -19.13 17.50
CA ALA B 516 42.18 -18.04 16.64
C ALA B 516 43.50 -18.31 15.93
N VAL B 517 44.07 -19.50 16.07
CA VAL B 517 45.32 -19.85 15.41
C VAL B 517 45.07 -20.15 13.93
#